data_5ZHB
#
_entry.id   5ZHB
#
_cell.length_a   176.979
_cell.length_b   52.336
_cell.length_c   129.602
_cell.angle_alpha   90.000
_cell.angle_beta   129.945
_cell.angle_gamma   90.000
#
_symmetry.space_group_name_H-M   'C 1 2 1'
#
loop_
_entity.id
_entity.type
_entity.pdbx_description
1 polymer 'Cellobiose 2-epimerase'
2 water water
#
_entity_poly.entity_id   1
_entity_poly.type   'polypeptide(L)'
_entity_poly.pdbx_seq_one_letter_code
;MNTFVNEFRNELETHILPFWAKLKDDENGGYYGLVDYDLHVHKDAGKGGIATCRQLWAFSAAYRVLKKEAYLQQANHAYR
FLTEYVFDHQYKGLYWMVDYKGNPSDDRKHVYAQAFGVYALTEYYRVTQNQEALDYAKQLYKLIETVGFNEETNAYKEEF
NRKWEEQSNEMLSENGVIADITMNTHLHVLEAYTNLYRVWEDEQLKGRIANLIDLFYEKVFDKQSKFLQVFFNNHWESII
DLKSYGHDIEASWLIDDALKVTGNNDRKYTQMVIDIAYNIEKKGVLKDGSLAYENENGKIDYTRVWWVQVEAMVGFYNAY
EKTKDEKFLKAVERIWDYVKTYMIDSREGGEWYWSVEADGQPTKREIAGPWKCPYHNARFCLEFIERVGK
;
_entity_poly.pdbx_strand_id   A,B
#
# COMPACT_ATOMS: atom_id res chain seq x y z
N MET A 1 -12.05 15.98 -2.70
CA MET A 1 -12.53 14.79 -1.94
C MET A 1 -13.55 15.21 -0.88
N ASN A 2 -13.34 16.40 -0.32
CA ASN A 2 -14.34 17.01 0.54
C ASN A 2 -15.61 17.27 -0.27
N THR A 3 -15.43 17.57 -1.56
CA THR A 3 -16.52 17.78 -2.50
C THR A 3 -17.40 16.52 -2.59
N PHE A 4 -16.76 15.37 -2.81
CA PHE A 4 -17.47 14.11 -2.98
C PHE A 4 -18.16 13.76 -1.65
N VAL A 5 -17.46 13.96 -0.52
CA VAL A 5 -17.98 13.54 0.77
C VAL A 5 -19.17 14.41 1.18
N ASN A 6 -19.16 15.70 0.82
CA ASN A 6 -20.33 16.52 1.05
C ASN A 6 -21.52 16.00 0.27
N GLU A 7 -21.28 15.47 -0.93
CA GLU A 7 -22.37 14.90 -1.71
C GLU A 7 -22.94 13.64 -1.06
N PHE A 8 -22.07 12.87 -0.38
CA PHE A 8 -22.52 11.63 0.27
C PHE A 8 -23.31 11.98 1.53
N ARG A 9 -22.79 12.92 2.31
CA ARG A 9 -23.46 13.37 3.51
C ARG A 9 -24.82 14.00 3.20
N ASN A 10 -24.90 14.82 2.15
CA ASN A 10 -26.17 15.37 1.68
C ASN A 10 -27.13 14.24 1.34
N GLU A 11 -26.65 13.23 0.61
CA GLU A 11 -27.49 12.10 0.20
C GLU A 11 -28.01 11.41 1.45
N LEU A 12 -27.13 11.22 2.42
CA LEU A 12 -27.48 10.51 3.64
C LEU A 12 -28.55 11.27 4.42
N GLU A 13 -28.28 12.54 4.73
CA GLU A 13 -29.08 13.31 5.67
C GLU A 13 -30.35 13.85 5.02
N THR A 14 -30.36 14.10 3.71
CA THR A 14 -31.53 14.74 3.11
C THR A 14 -32.40 13.74 2.35
N HIS A 15 -31.91 12.52 2.04
CA HIS A 15 -32.67 11.59 1.20
C HIS A 15 -32.82 10.26 1.94
N ILE A 16 -31.69 9.61 2.29
CA ILE A 16 -31.71 8.24 2.79
C ILE A 16 -32.39 8.17 4.16
N LEU A 17 -31.81 8.83 5.15
CA LEU A 17 -32.31 8.71 6.50
C LEU A 17 -33.74 9.24 6.67
N PRO A 18 -34.15 10.39 6.09
CA PRO A 18 -35.57 10.77 6.11
C PRO A 18 -36.53 9.74 5.53
N PHE A 19 -36.12 9.03 4.45
CA PHE A 19 -36.99 8.02 3.87
C PHE A 19 -37.29 6.90 4.89
N TRP A 20 -36.24 6.41 5.56
CA TRP A 20 -36.35 5.37 6.57
C TRP A 20 -37.12 5.84 7.81
N ALA A 21 -36.93 7.10 8.21
CA ALA A 21 -37.71 7.68 9.31
C ALA A 21 -39.21 7.72 9.01
N LYS A 22 -39.61 7.88 7.74
CA LYS A 22 -41.01 7.87 7.36
C LYS A 22 -41.61 6.46 7.46
N LEU A 23 -40.80 5.43 7.73
CA LEU A 23 -41.33 4.08 7.89
C LEU A 23 -41.48 3.71 9.37
N LYS A 24 -41.22 4.66 10.29
CA LYS A 24 -41.32 4.39 11.72
C LYS A 24 -42.75 3.98 12.03
N ASP A 25 -42.90 2.83 12.71
CA ASP A 25 -44.19 2.22 13.00
C ASP A 25 -44.43 2.37 14.50
N ASP A 26 -45.15 3.44 14.86
CA ASP A 26 -45.37 3.79 16.26
C ASP A 26 -46.37 2.85 16.91
N GLU A 27 -47.39 2.45 16.17
CA GLU A 27 -48.45 1.62 16.72
C GLU A 27 -47.91 0.21 17.00
N ASN A 28 -47.20 -0.40 16.04
CA ASN A 28 -46.89 -1.81 16.12
C ASN A 28 -45.41 -2.05 16.40
N GLY A 29 -44.56 -1.01 16.33
CA GLY A 29 -43.14 -1.15 16.68
C GLY A 29 -42.28 -1.32 15.42
N GLY A 30 -41.00 -0.98 15.53
CA GLY A 30 -40.06 -1.06 14.41
C GLY A 30 -40.47 -0.21 13.22
N TYR A 31 -40.22 -0.76 12.03
CA TYR A 31 -40.42 -0.09 10.75
C TYR A 31 -41.27 -0.97 9.85
N TYR A 32 -42.14 -0.32 9.06
CA TYR A 32 -43.01 -1.02 8.12
C TYR A 32 -42.15 -1.92 7.22
N GLY A 33 -42.69 -3.10 6.91
CA GLY A 33 -41.87 -4.21 6.46
C GLY A 33 -41.60 -4.24 4.96
N LEU A 34 -42.34 -3.43 4.17
CA LEU A 34 -42.26 -3.49 2.71
C LEU A 34 -42.69 -2.14 2.13
N VAL A 35 -41.85 -1.62 1.20
CA VAL A 35 -42.22 -0.60 0.26
C VAL A 35 -41.94 -1.17 -1.13
N ASP A 36 -42.98 -1.35 -1.94
N ASP A 36 -43.00 -1.28 -1.93
CA ASP A 36 -42.81 -1.97 -3.25
CA ASP A 36 -42.96 -1.83 -3.28
C ASP A 36 -42.24 -0.93 -4.20
C ASP A 36 -42.20 -0.90 -4.22
N TYR A 37 -41.86 -1.41 -5.41
CA TYR A 37 -41.26 -0.60 -6.45
C TYR A 37 -42.12 0.65 -6.73
N ASP A 38 -43.44 0.50 -6.63
N ASP A 38 -43.43 0.47 -6.56
CA ASP A 38 -44.34 1.61 -6.97
CA ASP A 38 -44.44 1.49 -6.86
C ASP A 38 -44.60 2.49 -5.74
C ASP A 38 -44.58 2.51 -5.75
N LEU A 39 -43.85 2.31 -4.65
CA LEU A 39 -43.86 3.19 -3.49
C LEU A 39 -45.11 3.05 -2.63
N HIS A 40 -45.93 2.00 -2.83
CA HIS A 40 -46.89 1.62 -1.79
C HIS A 40 -46.19 1.07 -0.54
N VAL A 41 -46.59 1.59 0.63
CA VAL A 41 -46.11 1.13 1.91
C VAL A 41 -47.08 0.09 2.46
N HIS A 42 -46.62 -1.15 2.65
CA HIS A 42 -47.45 -2.22 3.19
C HIS A 42 -47.25 -2.30 4.71
N LYS A 43 -48.15 -1.65 5.46
CA LYS A 43 -47.98 -1.49 6.89
C LYS A 43 -48.15 -2.80 7.65
N ASP A 44 -48.80 -3.77 6.99
CA ASP A 44 -49.06 -5.08 7.58
C ASP A 44 -48.06 -6.13 7.07
N ALA A 45 -46.98 -5.72 6.38
CA ALA A 45 -46.02 -6.70 5.88
C ALA A 45 -45.22 -7.29 7.05
N GLY A 46 -44.64 -8.48 6.81
CA GLY A 46 -43.68 -9.07 7.73
C GLY A 46 -42.47 -8.18 7.98
N LYS A 47 -41.90 -8.28 9.19
CA LYS A 47 -40.73 -7.50 9.61
C LYS A 47 -39.54 -8.44 9.83
N GLY A 48 -38.47 -8.26 9.03
CA GLY A 48 -37.32 -9.17 9.11
C GLY A 48 -36.51 -8.95 10.38
N GLY A 49 -35.93 -10.03 10.91
CA GLY A 49 -35.04 -9.97 12.04
C GLY A 49 -33.76 -9.25 11.64
N ILE A 50 -33.18 -9.66 10.51
CA ILE A 50 -32.00 -9.00 9.99
C ILE A 50 -32.31 -7.53 9.61
N ALA A 51 -33.40 -7.29 8.90
CA ALA A 51 -33.77 -5.91 8.57
C ALA A 51 -33.80 -5.05 9.84
N THR A 52 -34.32 -5.59 10.95
CA THR A 52 -34.45 -4.80 12.18
C THR A 52 -33.07 -4.50 12.77
N CYS A 53 -32.20 -5.51 12.81
CA CYS A 53 -30.81 -5.28 13.18
C CYS A 53 -30.20 -4.17 12.31
N ARG A 54 -30.41 -4.23 11.00
CA ARG A 54 -29.74 -3.30 10.12
C ARG A 54 -30.24 -1.88 10.36
N GLN A 55 -31.54 -1.74 10.56
CA GLN A 55 -32.14 -0.45 10.93
C GLN A 55 -31.51 0.09 12.21
N LEU A 56 -31.31 -0.78 13.21
CA LEU A 56 -30.73 -0.36 14.47
C LEU A 56 -29.28 0.07 14.25
N TRP A 57 -28.54 -0.72 13.45
CA TRP A 57 -27.14 -0.40 13.19
C TRP A 57 -27.02 0.97 12.51
N ALA A 58 -27.81 1.19 11.45
CA ALA A 58 -27.73 2.40 10.62
C ALA A 58 -28.04 3.65 11.45
N PHE A 59 -29.12 3.63 12.24
CA PHE A 59 -29.45 4.79 13.05
C PHE A 59 -28.43 5.02 14.17
N SER A 60 -27.93 3.95 14.79
CA SER A 60 -26.94 4.09 15.85
C SER A 60 -25.66 4.70 15.32
N ALA A 61 -25.16 4.16 14.19
CA ALA A 61 -23.95 4.67 13.55
C ALA A 61 -24.15 6.10 13.08
N ALA A 62 -25.31 6.42 12.48
CA ALA A 62 -25.59 7.78 12.04
C ALA A 62 -25.47 8.73 13.23
N TYR A 63 -26.00 8.31 14.38
CA TYR A 63 -25.95 9.13 15.58
C TYR A 63 -24.51 9.29 16.06
N ARG A 64 -23.72 8.20 16.05
CA ARG A 64 -22.33 8.21 16.48
C ARG A 64 -21.52 9.25 15.71
N VAL A 65 -21.72 9.29 14.40
CA VAL A 65 -20.90 10.07 13.50
C VAL A 65 -21.45 11.48 13.40
N LEU A 66 -22.78 11.61 13.30
CA LEU A 66 -23.37 12.90 12.96
C LEU A 66 -24.05 13.57 14.16
N LYS A 67 -24.45 12.79 15.18
CA LYS A 67 -24.77 13.29 16.51
C LYS A 67 -26.12 13.99 16.57
N LYS A 68 -26.96 13.90 15.53
CA LYS A 68 -28.29 14.47 15.57
C LYS A 68 -29.18 13.58 16.43
N GLU A 69 -29.95 14.19 17.34
CA GLU A 69 -30.70 13.43 18.34
C GLU A 69 -31.85 12.65 17.70
N ALA A 70 -32.39 13.12 16.58
CA ALA A 70 -33.42 12.36 15.88
C ALA A 70 -32.92 10.94 15.55
N TYR A 71 -31.63 10.80 15.24
CA TYR A 71 -31.08 9.52 14.83
C TYR A 71 -31.05 8.56 16.01
N LEU A 72 -30.71 9.06 17.20
CA LEU A 72 -30.78 8.31 18.44
C LEU A 72 -32.21 7.84 18.73
N GLN A 73 -33.19 8.72 18.49
CA GLN A 73 -34.60 8.38 18.71
C GLN A 73 -35.01 7.25 17.78
N GLN A 74 -34.54 7.27 16.52
CA GLN A 74 -34.83 6.18 15.60
C GLN A 74 -34.15 4.90 16.10
N ALA A 75 -32.89 5.00 16.53
CA ALA A 75 -32.15 3.86 17.04
C ALA A 75 -32.87 3.23 18.23
N ASN A 76 -33.32 4.05 19.19
CA ASN A 76 -34.08 3.54 20.32
C ASN A 76 -35.29 2.74 19.89
N HIS A 77 -36.06 3.26 18.92
CA HIS A 77 -37.27 2.60 18.44
C HIS A 77 -36.92 1.22 17.84
N ALA A 78 -35.79 1.16 17.14
CA ALA A 78 -35.35 -0.10 16.55
C ALA A 78 -34.92 -1.09 17.64
N TYR A 79 -34.22 -0.59 18.65
CA TYR A 79 -33.75 -1.41 19.76
C TYR A 79 -34.90 -2.10 20.49
N ARG A 80 -35.93 -1.31 20.80
CA ARG A 80 -37.16 -1.80 21.43
C ARG A 80 -37.79 -2.94 20.65
N PHE A 81 -38.00 -2.76 19.36
CA PHE A 81 -38.62 -3.79 18.56
C PHE A 81 -37.75 -5.05 18.50
N LEU A 82 -36.44 -4.85 18.36
CA LEU A 82 -35.50 -5.97 18.28
C LEU A 82 -35.57 -6.78 19.57
N THR A 83 -35.47 -6.14 20.74
CA THR A 83 -35.34 -6.88 22.00
C THR A 83 -36.71 -7.40 22.47
N GLU A 84 -37.81 -6.71 22.11
CA GLU A 84 -39.14 -7.06 22.59
C GLU A 84 -39.79 -8.17 21.77
N TYR A 85 -39.66 -8.12 20.43
CA TYR A 85 -40.34 -9.05 19.53
C TYR A 85 -39.39 -9.96 18.75
N VAL A 86 -38.24 -9.47 18.24
CA VAL A 86 -37.44 -10.27 17.33
C VAL A 86 -36.66 -11.31 18.12
N PHE A 87 -36.21 -10.94 19.34
CA PHE A 87 -35.55 -11.85 20.26
C PHE A 87 -36.59 -12.85 20.77
N ASP A 88 -36.22 -14.13 20.77
CA ASP A 88 -37.09 -15.19 21.26
C ASP A 88 -36.79 -15.37 22.75
N HIS A 89 -37.62 -14.83 23.64
CA HIS A 89 -37.25 -14.85 25.06
C HIS A 89 -37.33 -16.25 25.67
N GLN A 90 -38.00 -17.20 24.99
CA GLN A 90 -38.05 -18.58 25.46
C GLN A 90 -36.83 -19.39 25.00
N TYR A 91 -36.59 -19.54 23.69
CA TYR A 91 -35.51 -20.41 23.24
C TYR A 91 -34.25 -19.60 22.91
N LYS A 92 -34.31 -18.26 23.01
CA LYS A 92 -33.16 -17.37 22.82
C LYS A 92 -32.78 -17.20 21.34
N GLY A 93 -32.17 -16.04 21.05
CA GLY A 93 -31.69 -15.69 19.72
C GLY A 93 -32.79 -15.01 18.91
N LEU A 94 -32.43 -14.51 17.71
CA LEU A 94 -33.31 -13.67 16.92
C LEU A 94 -34.06 -14.54 15.93
N TYR A 95 -35.39 -14.36 15.88
CA TYR A 95 -36.22 -14.91 14.83
C TYR A 95 -35.78 -14.40 13.46
N TRP A 96 -36.04 -15.21 12.43
CA TRP A 96 -35.81 -14.81 11.05
C TRP A 96 -36.81 -13.77 10.55
N MET A 97 -38.09 -13.98 10.89
N MET A 97 -38.08 -13.93 10.94
CA MET A 97 -39.14 -13.02 10.56
CA MET A 97 -39.11 -12.98 10.53
C MET A 97 -40.14 -12.96 11.71
C MET A 97 -40.27 -12.99 11.52
N VAL A 98 -40.76 -11.78 11.85
CA VAL A 98 -41.97 -11.60 12.63
C VAL A 98 -43.02 -10.92 11.76
N ASP A 99 -44.30 -11.00 12.17
CA ASP A 99 -45.38 -10.35 11.45
C ASP A 99 -45.38 -8.89 11.87
N TYR A 100 -46.33 -8.12 11.35
CA TYR A 100 -46.29 -6.68 11.57
C TYR A 100 -46.56 -6.32 13.03
N LYS A 101 -47.13 -7.24 13.83
CA LYS A 101 -47.32 -6.98 15.25
C LYS A 101 -46.21 -7.59 16.11
N GLY A 102 -45.21 -8.23 15.48
CA GLY A 102 -44.07 -8.73 16.22
C GLY A 102 -44.28 -10.18 16.69
N ASN A 103 -45.35 -10.82 16.24
CA ASN A 103 -45.49 -12.24 16.48
C ASN A 103 -44.57 -13.01 15.54
N PRO A 104 -43.91 -14.10 16.02
CA PRO A 104 -43.00 -14.88 15.18
C PRO A 104 -43.74 -15.40 13.96
N SER A 105 -43.19 -15.22 12.76
CA SER A 105 -43.77 -15.75 11.54
C SER A 105 -42.82 -16.75 10.86
N ASP A 106 -41.50 -16.52 10.95
CA ASP A 106 -40.51 -17.50 10.55
C ASP A 106 -39.52 -17.60 11.70
N ASP A 107 -39.71 -18.62 12.52
CA ASP A 107 -39.07 -18.71 13.82
C ASP A 107 -37.75 -19.50 13.75
N ARG A 108 -37.26 -19.78 12.54
N ARG A 108 -37.26 -19.80 12.54
CA ARG A 108 -35.94 -20.36 12.38
CA ARG A 108 -35.95 -20.40 12.37
C ARG A 108 -34.85 -19.46 12.97
C ARG A 108 -34.85 -19.48 12.95
N LYS A 109 -33.75 -20.10 13.38
CA LYS A 109 -32.64 -19.43 14.02
C LYS A 109 -31.41 -19.62 13.13
N HIS A 110 -30.95 -18.54 12.50
CA HIS A 110 -29.86 -18.63 11.56
C HIS A 110 -28.67 -17.89 12.17
N VAL A 111 -27.47 -18.48 12.06
CA VAL A 111 -26.24 -17.87 12.56
C VAL A 111 -26.05 -16.47 11.94
N TYR A 112 -26.41 -16.30 10.67
CA TYR A 112 -26.28 -15.03 9.95
C TYR A 112 -27.08 -13.96 10.66
N ALA A 113 -28.31 -14.32 11.08
CA ALA A 113 -29.13 -13.35 11.78
C ALA A 113 -28.54 -13.04 13.16
N GLN A 114 -28.00 -14.04 13.88
CA GLN A 114 -27.44 -13.82 15.20
C GLN A 114 -26.25 -12.87 15.10
N ALA A 115 -25.43 -13.05 14.05
CA ALA A 115 -24.30 -12.16 13.79
C ALA A 115 -24.75 -10.71 13.63
N PHE A 116 -25.73 -10.47 12.75
CA PHE A 116 -26.29 -9.14 12.57
C PHE A 116 -26.78 -8.57 13.90
N GLY A 117 -27.31 -9.39 14.80
CA GLY A 117 -27.73 -8.93 16.12
C GLY A 117 -26.58 -8.38 16.94
N VAL A 118 -25.47 -9.14 16.95
CA VAL A 118 -24.27 -8.70 17.64
C VAL A 118 -23.77 -7.37 17.07
N TYR A 119 -23.71 -7.29 15.74
CA TYR A 119 -23.24 -6.09 15.06
C TYR A 119 -24.08 -4.87 15.46
N ALA A 120 -25.40 -5.01 15.43
CA ALA A 120 -26.29 -3.87 15.68
C ALA A 120 -26.34 -3.48 17.17
N LEU A 121 -26.34 -4.48 18.04
CA LEU A 121 -26.42 -4.28 19.49
C LEU A 121 -25.14 -3.61 19.99
N THR A 122 -23.98 -4.03 19.45
CA THR A 122 -22.71 -3.41 19.82
C THR A 122 -22.68 -1.97 19.34
N GLU A 123 -23.19 -1.68 18.13
CA GLU A 123 -23.20 -0.32 17.64
C GLU A 123 -24.09 0.57 18.52
N TYR A 124 -25.24 0.03 18.95
CA TYR A 124 -26.14 0.78 19.81
C TYR A 124 -25.44 1.02 21.14
N TYR A 125 -24.68 0.01 21.60
CA TYR A 125 -23.96 0.17 22.85
C TYR A 125 -22.94 1.29 22.72
N ARG A 126 -22.29 1.42 21.55
CA ARG A 126 -21.29 2.46 21.37
C ARG A 126 -21.88 3.83 21.69
N VAL A 127 -23.14 4.07 21.35
CA VAL A 127 -23.71 5.39 21.49
C VAL A 127 -24.60 5.53 22.73
N THR A 128 -24.88 4.45 23.48
CA THR A 128 -25.79 4.55 24.62
C THR A 128 -25.14 4.11 25.93
N GLN A 129 -24.23 3.14 25.85
N GLN A 129 -24.23 3.14 25.87
CA GLN A 129 -23.70 2.45 27.01
CA GLN A 129 -23.69 2.47 27.05
C GLN A 129 -24.82 1.72 27.74
C GLN A 129 -24.74 1.57 27.71
N ASN A 130 -25.84 1.28 27.00
CA ASN A 130 -26.91 0.49 27.57
C ASN A 130 -26.41 -0.93 27.84
N GLN A 131 -26.26 -1.25 29.13
CA GLN A 131 -25.67 -2.50 29.58
C GLN A 131 -26.49 -3.71 29.11
N GLU A 132 -27.81 -3.54 29.01
CA GLU A 132 -28.69 -4.60 28.53
C GLU A 132 -28.32 -4.96 27.09
N ALA A 133 -28.11 -3.94 26.26
CA ALA A 133 -27.76 -4.12 24.86
C ALA A 133 -26.48 -4.95 24.74
N LEU A 134 -25.47 -4.63 25.58
CA LEU A 134 -24.20 -5.33 25.51
C LEU A 134 -24.36 -6.80 25.97
N ASP A 135 -25.16 -7.02 27.03
CA ASP A 135 -25.46 -8.37 27.53
C ASP A 135 -26.15 -9.19 26.45
N TYR A 136 -27.08 -8.56 25.74
CA TYR A 136 -27.78 -9.23 24.65
C TYR A 136 -26.76 -9.66 23.61
N ALA A 137 -25.82 -8.75 23.29
CA ALA A 137 -24.78 -9.03 22.30
C ALA A 137 -23.94 -10.23 22.71
N LYS A 138 -23.54 -10.24 23.99
CA LYS A 138 -22.77 -11.36 24.53
C LYS A 138 -23.58 -12.65 24.50
N GLN A 139 -24.88 -12.62 24.81
CA GLN A 139 -25.67 -13.84 24.69
C GLN A 139 -25.64 -14.41 23.27
N LEU A 140 -25.81 -13.55 22.26
CA LEU A 140 -25.82 -14.02 20.88
C LEU A 140 -24.44 -14.57 20.50
N TYR A 141 -23.37 -13.87 20.90
CA TYR A 141 -21.99 -14.35 20.71
C TYR A 141 -21.86 -15.76 21.26
N LYS A 142 -22.41 -15.99 22.46
CA LYS A 142 -22.29 -17.28 23.12
C LYS A 142 -22.98 -18.36 22.29
N LEU A 143 -24.17 -18.04 21.75
CA LEU A 143 -24.88 -18.98 20.91
C LEU A 143 -24.04 -19.34 19.69
N ILE A 144 -23.46 -18.32 19.04
CA ILE A 144 -22.77 -18.52 17.79
C ILE A 144 -21.54 -19.39 18.05
N GLU A 145 -20.89 -19.17 19.19
CA GLU A 145 -19.65 -19.85 19.53
C GLU A 145 -19.90 -21.29 19.97
N THR A 146 -21.12 -21.61 20.41
CA THR A 146 -21.41 -22.95 20.91
C THR A 146 -22.26 -23.70 19.89
N VAL A 147 -23.57 -23.45 19.91
CA VAL A 147 -24.46 -24.19 19.02
C VAL A 147 -24.22 -23.81 17.55
N GLY A 148 -23.72 -22.59 17.26
CA GLY A 148 -23.54 -22.15 15.86
C GLY A 148 -22.15 -22.41 15.27
N PHE A 149 -21.31 -23.24 15.93
CA PHE A 149 -19.93 -23.45 15.50
C PHE A 149 -19.61 -24.93 15.45
N ASN A 150 -19.03 -25.40 14.33
CA ASN A 150 -18.63 -26.77 14.16
C ASN A 150 -17.13 -26.94 14.47
N GLU A 151 -16.81 -27.47 15.66
CA GLU A 151 -15.45 -27.84 16.05
C GLU A 151 -14.73 -28.74 15.04
N GLU A 152 -15.47 -29.67 14.44
CA GLU A 152 -14.86 -30.67 13.61
C GLU A 152 -14.28 -30.04 12.34
N THR A 153 -15.04 -29.12 11.71
CA THR A 153 -14.69 -28.61 10.38
C THR A 153 -13.97 -27.26 10.48
N ASN A 154 -13.95 -26.65 11.67
CA ASN A 154 -13.59 -25.27 11.91
C ASN A 154 -14.46 -24.31 11.06
N ALA A 155 -15.78 -24.35 11.28
CA ALA A 155 -16.65 -23.53 10.46
C ALA A 155 -17.91 -23.17 11.25
N TYR A 156 -18.39 -21.93 11.05
CA TYR A 156 -19.69 -21.56 11.60
C TYR A 156 -20.77 -22.26 10.79
N LYS A 157 -21.87 -22.53 11.48
CA LYS A 157 -22.99 -23.26 10.94
C LYS A 157 -24.02 -22.26 10.38
N GLU A 158 -25.14 -22.80 9.88
CA GLU A 158 -26.10 -22.07 9.08
C GLU A 158 -27.44 -22.01 9.83
N GLU A 159 -28.31 -23.00 9.57
CA GLU A 159 -29.74 -22.86 9.88
C GLU A 159 -30.15 -23.90 10.93
N PHE A 160 -30.94 -23.42 11.91
CA PHE A 160 -31.56 -24.24 12.96
C PHE A 160 -33.06 -23.94 13.01
N ASN A 161 -33.83 -24.86 13.64
CA ASN A 161 -35.21 -24.56 13.98
C ASN A 161 -35.21 -23.66 15.21
N ARG A 162 -36.43 -23.28 15.62
CA ARG A 162 -36.60 -22.40 16.75
C ARG A 162 -35.83 -22.89 17.97
N LYS A 163 -35.83 -24.20 18.22
CA LYS A 163 -35.24 -24.75 19.43
C LYS A 163 -33.77 -25.15 19.20
N TRP A 164 -33.13 -24.50 18.21
CA TRP A 164 -31.68 -24.62 18.05
C TRP A 164 -31.25 -26.02 17.69
N GLU A 165 -32.07 -26.70 16.88
CA GLU A 165 -31.78 -28.03 16.36
C GLU A 165 -31.45 -27.88 14.87
N GLU A 166 -30.23 -28.28 14.53
CA GLU A 166 -29.68 -28.09 13.20
C GLU A 166 -30.60 -28.68 12.14
N GLN A 167 -30.96 -27.82 11.17
N GLN A 167 -31.05 -27.86 11.18
CA GLN A 167 -31.84 -28.15 10.06
CA GLN A 167 -31.88 -28.36 10.10
C GLN A 167 -31.01 -28.34 8.80
C GLN A 167 -31.19 -28.00 8.79
N SER A 168 -31.69 -28.54 7.66
CA SER A 168 -31.12 -28.28 6.35
C SER A 168 -30.26 -27.02 6.35
N ASN A 169 -28.96 -27.19 6.70
CA ASN A 169 -28.02 -26.11 7.02
C ASN A 169 -27.28 -25.78 5.72
N GLU A 170 -27.86 -24.85 4.93
CA GLU A 170 -27.43 -24.63 3.55
C GLU A 170 -27.62 -23.17 3.15
N MET A 171 -27.63 -22.90 1.83
CA MET A 171 -28.25 -21.71 1.28
C MET A 171 -29.52 -22.18 0.56
N LEU A 172 -30.68 -21.93 1.21
CA LEU A 172 -32.00 -22.49 0.91
C LEU A 172 -32.14 -23.04 -0.52
N SER A 173 -32.22 -24.39 -0.61
CA SER A 173 -32.35 -25.15 -1.85
C SER A 173 -31.51 -24.54 -2.97
N GLU A 174 -32.14 -24.24 -4.13
CA GLU A 174 -31.51 -23.53 -5.25
C GLU A 174 -30.21 -24.18 -5.68
N ASN A 175 -29.23 -24.24 -4.75
CA ASN A 175 -27.99 -24.96 -4.92
C ASN A 175 -28.21 -26.22 -5.76
N GLY A 176 -29.15 -27.07 -5.36
CA GLY A 176 -29.36 -28.36 -6.00
C GLY A 176 -28.55 -29.44 -5.27
N VAL A 177 -27.23 -29.22 -5.18
CA VAL A 177 -26.40 -29.78 -4.12
C VAL A 177 -26.10 -28.63 -3.15
N ILE A 178 -26.52 -28.80 -1.89
CA ILE A 178 -26.53 -27.69 -0.94
C ILE A 178 -25.14 -27.50 -0.33
N ALA A 179 -24.88 -26.25 0.08
CA ALA A 179 -23.65 -25.85 0.76
C ALA A 179 -23.78 -26.20 2.24
N ASP A 180 -22.68 -26.68 2.83
CA ASP A 180 -22.56 -26.87 4.28
C ASP A 180 -21.97 -25.63 4.95
N ILE A 181 -21.12 -24.92 4.21
CA ILE A 181 -20.37 -23.80 4.75
C ILE A 181 -20.53 -22.67 3.74
N THR A 182 -20.74 -21.44 4.22
CA THR A 182 -20.82 -20.28 3.34
C THR A 182 -19.85 -19.18 3.78
N MET A 183 -19.29 -18.54 2.75
CA MET A 183 -18.51 -17.33 2.87
C MET A 183 -19.35 -16.25 3.50
N ASN A 184 -20.61 -16.16 3.05
CA ASN A 184 -21.46 -15.05 3.50
C ASN A 184 -21.59 -15.04 5.02
N THR A 185 -21.92 -16.22 5.62
CA THR A 185 -22.10 -16.29 7.07
C THR A 185 -20.81 -15.93 7.80
N HIS A 186 -19.66 -16.46 7.31
CA HIS A 186 -18.37 -16.18 7.92
C HIS A 186 -18.05 -14.68 7.84
N LEU A 187 -18.42 -14.02 6.74
CA LEU A 187 -18.10 -12.60 6.59
C LEU A 187 -18.79 -11.80 7.68
N HIS A 188 -20.11 -12.04 7.83
CA HIS A 188 -20.92 -11.26 8.78
C HIS A 188 -20.64 -11.65 10.23
N VAL A 189 -20.18 -12.88 10.48
CA VAL A 189 -19.69 -13.18 11.82
C VAL A 189 -18.45 -12.31 12.08
N LEU A 190 -17.51 -12.27 11.13
CA LEU A 190 -16.31 -11.44 11.30
C LEU A 190 -16.67 -9.97 11.50
N GLU A 191 -17.59 -9.46 10.69
CA GLU A 191 -18.04 -8.07 10.78
C GLU A 191 -18.56 -7.80 12.19
N ALA A 192 -19.46 -8.67 12.67
CA ALA A 192 -20.09 -8.50 13.97
C ALA A 192 -19.04 -8.54 15.09
N TYR A 193 -18.17 -9.52 15.02
CA TYR A 193 -17.17 -9.72 16.06
C TYR A 193 -16.17 -8.58 16.11
N THR A 194 -15.81 -8.01 14.95
CA THR A 194 -15.01 -6.79 14.91
C THR A 194 -15.63 -5.70 15.78
N ASN A 195 -16.96 -5.52 15.64
CA ASN A 195 -17.67 -4.45 16.36
C ASN A 195 -17.76 -4.77 17.85
N LEU A 196 -17.87 -6.06 18.17
CA LEU A 196 -17.96 -6.50 19.55
C LEU A 196 -16.63 -6.20 20.25
N TYR A 197 -15.52 -6.46 19.55
CA TYR A 197 -14.20 -6.28 20.14
C TYR A 197 -13.93 -4.79 20.38
N ARG A 198 -14.50 -3.90 19.55
CA ARG A 198 -14.41 -2.47 19.79
C ARG A 198 -14.99 -2.12 21.15
N VAL A 199 -15.95 -2.90 21.64
CA VAL A 199 -16.72 -2.50 22.81
C VAL A 199 -16.40 -3.38 24.02
N TRP A 200 -15.69 -4.48 23.78
CA TRP A 200 -15.41 -5.53 24.75
C TRP A 200 -14.14 -6.22 24.30
N GLU A 201 -12.99 -5.76 24.81
CA GLU A 201 -11.70 -6.24 24.32
C GLU A 201 -11.33 -7.54 25.01
N ASP A 202 -12.06 -8.61 24.70
CA ASP A 202 -11.83 -9.92 25.26
C ASP A 202 -10.78 -10.68 24.46
N GLU A 203 -9.81 -11.30 25.15
CA GLU A 203 -8.71 -11.97 24.47
C GLU A 203 -9.20 -13.21 23.72
N GLN A 204 -10.16 -13.94 24.27
CA GLN A 204 -10.70 -15.08 23.55
C GLN A 204 -11.38 -14.63 22.24
N LEU A 205 -12.19 -13.57 22.30
CA LEU A 205 -12.86 -13.01 21.13
C LEU A 205 -11.80 -12.64 20.08
N LYS A 206 -10.75 -11.93 20.53
CA LYS A 206 -9.62 -11.60 19.66
C LYS A 206 -9.16 -12.84 18.89
N GLY A 207 -9.06 -13.99 19.58
CA GLY A 207 -8.62 -15.20 18.95
C GLY A 207 -9.65 -15.73 17.96
N ARG A 208 -10.95 -15.51 18.24
CA ARG A 208 -11.99 -15.91 17.31
C ARG A 208 -11.89 -15.06 16.03
N ILE A 209 -11.57 -13.79 16.17
CA ILE A 209 -11.35 -12.95 14.98
C ILE A 209 -10.15 -13.47 14.16
N ALA A 210 -9.06 -13.82 14.84
CA ALA A 210 -7.86 -14.25 14.13
C ALA A 210 -8.16 -15.54 13.38
N ASN A 211 -8.95 -16.41 14.01
CA ASN A 211 -9.40 -17.62 13.35
C ASN A 211 -10.19 -17.32 12.08
N LEU A 212 -11.19 -16.43 12.13
CA LEU A 212 -11.97 -16.07 10.94
C LEU A 212 -11.08 -15.50 9.82
N ILE A 213 -10.12 -14.67 10.19
CA ILE A 213 -9.25 -14.08 9.20
C ILE A 213 -8.45 -15.16 8.48
N ASP A 214 -7.98 -16.13 9.25
CA ASP A 214 -7.17 -17.21 8.69
C ASP A 214 -8.01 -18.12 7.81
N LEU A 215 -9.27 -18.39 8.23
CA LEU A 215 -10.19 -19.11 7.36
C LEU A 215 -10.39 -18.36 6.05
N PHE A 216 -10.58 -17.04 6.11
CA PHE A 216 -10.70 -16.28 4.88
C PHE A 216 -9.44 -16.45 4.02
N TYR A 217 -8.29 -16.30 4.64
CA TYR A 217 -7.01 -16.33 3.91
C TYR A 217 -6.78 -17.70 3.29
N GLU A 218 -6.89 -18.77 4.10
CA GLU A 218 -6.58 -20.14 3.70
C GLU A 218 -7.68 -20.83 2.90
N LYS A 219 -8.95 -20.68 3.32
CA LYS A 219 -10.03 -21.45 2.70
C LYS A 219 -10.82 -20.65 1.65
N VAL A 220 -11.19 -19.40 1.96
CA VAL A 220 -12.14 -18.67 1.14
C VAL A 220 -11.45 -18.11 -0.10
N PHE A 221 -10.33 -17.44 0.14
CA PHE A 221 -9.58 -16.72 -0.88
C PHE A 221 -8.77 -17.67 -1.74
N ASP A 222 -9.04 -17.63 -3.05
CA ASP A 222 -8.27 -18.31 -4.07
C ASP A 222 -7.00 -17.50 -4.37
N LYS A 223 -5.84 -18.02 -3.97
CA LYS A 223 -4.61 -17.24 -4.04
C LYS A 223 -4.10 -17.13 -5.48
N GLN A 224 -4.69 -17.87 -6.42
CA GLN A 224 -4.35 -17.75 -7.84
C GLN A 224 -5.24 -16.71 -8.53
N SER A 225 -6.56 -16.88 -8.46
CA SER A 225 -7.48 -15.99 -9.14
C SER A 225 -7.66 -14.66 -8.39
N LYS A 226 -7.40 -14.70 -7.08
CA LYS A 226 -7.58 -13.59 -6.14
C LYS A 226 -9.06 -13.34 -5.84
N PHE A 227 -9.95 -14.22 -6.28
CA PHE A 227 -11.36 -14.15 -5.90
C PHE A 227 -11.63 -14.90 -4.60
N LEU A 228 -12.74 -14.51 -3.94
CA LEU A 228 -13.28 -15.30 -2.86
C LEU A 228 -14.14 -16.39 -3.46
N GLN A 229 -14.14 -17.55 -2.85
CA GLN A 229 -15.11 -18.58 -3.19
C GLN A 229 -16.31 -18.41 -2.25
N VAL A 230 -17.45 -18.97 -2.64
CA VAL A 230 -18.73 -18.56 -2.07
C VAL A 230 -19.37 -19.70 -1.25
N PHE A 231 -19.39 -20.92 -1.79
CA PHE A 231 -20.11 -22.05 -1.18
C PHE A 231 -19.18 -23.25 -1.12
N PHE A 232 -19.20 -23.93 0.03
CA PHE A 232 -18.26 -24.99 0.35
C PHE A 232 -19.02 -26.20 0.90
N ASN A 233 -18.37 -27.36 0.77
CA ASN A 233 -18.73 -28.57 1.49
C ASN A 233 -18.05 -28.55 2.85
N ASN A 234 -18.27 -29.60 3.64
CA ASN A 234 -17.74 -29.69 4.99
C ASN A 234 -16.22 -29.81 5.03
N HIS A 235 -15.59 -30.05 3.88
CA HIS A 235 -14.14 -30.10 3.82
C HIS A 235 -13.57 -28.74 3.39
N TRP A 236 -14.40 -27.68 3.38
CA TRP A 236 -14.01 -26.35 2.97
C TRP A 236 -13.54 -26.35 1.53
N GLU A 237 -14.12 -27.23 0.71
CA GLU A 237 -13.84 -27.24 -0.70
C GLU A 237 -15.00 -26.54 -1.40
N SER A 238 -14.66 -25.59 -2.27
CA SER A 238 -15.68 -24.84 -2.99
C SER A 238 -16.46 -25.77 -3.92
N ILE A 239 -17.78 -25.59 -4.01
CA ILE A 239 -18.61 -26.53 -4.75
C ILE A 239 -19.31 -25.88 -5.92
N ILE A 240 -19.12 -24.57 -6.13
CA ILE A 240 -19.77 -23.89 -7.25
C ILE A 240 -18.77 -22.92 -7.85
N ASP A 241 -18.83 -22.78 -9.19
CA ASP A 241 -18.00 -21.81 -9.87
C ASP A 241 -18.74 -20.47 -9.86
N LEU A 242 -18.58 -19.69 -8.78
CA LEU A 242 -19.33 -18.44 -8.59
C LEU A 242 -18.43 -17.38 -8.01
N LYS A 243 -18.42 -16.21 -8.64
CA LYS A 243 -17.72 -15.06 -8.12
C LYS A 243 -18.75 -13.95 -7.88
N SER A 244 -18.70 -13.35 -6.70
CA SER A 244 -19.62 -12.32 -6.29
C SER A 244 -18.81 -11.07 -5.98
N TYR A 245 -18.81 -10.13 -6.93
CA TYR A 245 -17.85 -9.04 -6.97
C TYR A 245 -18.06 -8.17 -5.74
N GLY A 246 -19.34 -8.04 -5.38
CA GLY A 246 -19.68 -7.18 -4.26
C GLY A 246 -19.20 -7.74 -2.93
N HIS A 247 -19.35 -9.06 -2.72
CA HIS A 247 -18.82 -9.67 -1.51
C HIS A 247 -17.31 -9.48 -1.40
N ASP A 248 -16.59 -9.66 -2.49
CA ASP A 248 -15.14 -9.55 -2.44
C ASP A 248 -14.69 -8.17 -1.95
N ILE A 249 -15.21 -7.10 -2.58
CA ILE A 249 -14.72 -5.77 -2.28
C ILE A 249 -15.19 -5.34 -0.90
N GLU A 250 -16.39 -5.79 -0.50
CA GLU A 250 -16.84 -5.61 0.87
C GLU A 250 -15.89 -6.30 1.85
N ALA A 251 -15.59 -7.58 1.62
CA ALA A 251 -14.71 -8.35 2.48
C ALA A 251 -13.33 -7.70 2.60
N SER A 252 -12.82 -7.18 1.48
CA SER A 252 -11.54 -6.50 1.50
C SER A 252 -11.48 -5.51 2.65
N TRP A 253 -12.44 -4.59 2.76
CA TRP A 253 -12.31 -3.54 3.75
C TRP A 253 -12.82 -3.96 5.12
N LEU A 254 -13.78 -4.89 5.16
CA LEU A 254 -14.19 -5.47 6.45
C LEU A 254 -13.08 -6.31 7.09
N ILE A 255 -12.40 -7.16 6.31
CA ILE A 255 -11.25 -7.88 6.88
C ILE A 255 -10.23 -6.86 7.37
N ASP A 256 -10.00 -5.79 6.58
CA ASP A 256 -9.01 -4.79 6.97
C ASP A 256 -9.39 -4.16 8.31
N ASP A 257 -10.68 -3.83 8.48
CA ASP A 257 -11.13 -3.31 9.75
C ASP A 257 -10.85 -4.32 10.86
N ALA A 258 -10.99 -5.61 10.57
CA ALA A 258 -10.75 -6.62 11.60
C ALA A 258 -9.26 -6.64 11.98
N LEU A 259 -8.41 -6.55 10.95
CA LEU A 259 -6.97 -6.36 11.14
C LEU A 259 -6.66 -5.15 12.02
N LYS A 260 -7.25 -4.00 11.71
CA LYS A 260 -6.94 -2.76 12.42
C LYS A 260 -7.39 -2.82 13.88
N VAL A 261 -8.61 -3.31 14.14
CA VAL A 261 -9.18 -3.34 15.48
C VAL A 261 -8.39 -4.28 16.38
N THR A 262 -7.82 -5.35 15.83
CA THR A 262 -7.10 -6.30 16.65
C THR A 262 -5.56 -6.16 16.57
N GLY A 263 -5.02 -5.21 15.78
CA GLY A 263 -3.58 -4.99 15.71
C GLY A 263 -2.85 -6.13 15.00
N ASN A 264 -3.52 -6.76 14.05
CA ASN A 264 -2.95 -7.89 13.34
C ASN A 264 -2.17 -7.36 12.13
N ASN A 265 -0.82 -7.41 12.18
CA ASN A 265 0.01 -6.88 11.13
C ASN A 265 0.62 -7.99 10.28
N ASP A 266 0.03 -9.18 10.30
CA ASP A 266 0.49 -10.25 9.44
C ASP A 266 0.36 -9.83 7.98
N ARG A 267 1.45 -9.99 7.25
CA ARG A 267 1.59 -9.36 5.95
C ARG A 267 0.76 -10.08 4.90
N LYS A 268 0.53 -11.38 5.02
CA LYS A 268 -0.24 -12.05 3.99
C LYS A 268 -1.72 -11.56 3.97
N TYR A 269 -2.22 -11.13 5.12
CA TYR A 269 -3.60 -10.71 5.28
C TYR A 269 -3.76 -9.31 4.68
N THR A 270 -2.85 -8.40 5.07
CA THR A 270 -2.75 -7.09 4.43
C THR A 270 -2.66 -7.22 2.91
N GLN A 271 -1.79 -8.11 2.42
CA GLN A 271 -1.65 -8.29 0.98
C GLN A 271 -2.95 -8.84 0.37
N MET A 272 -3.65 -9.72 1.09
CA MET A 272 -4.93 -10.21 0.62
C MET A 272 -5.89 -9.03 0.44
N VAL A 273 -6.02 -8.16 1.43
CA VAL A 273 -6.92 -7.02 1.34
C VAL A 273 -6.66 -6.24 0.06
N ILE A 274 -5.36 -6.02 -0.26
CA ILE A 274 -4.98 -5.15 -1.35
C ILE A 274 -5.25 -5.87 -2.66
N ASP A 275 -4.88 -7.17 -2.74
CA ASP A 275 -4.99 -7.93 -3.97
C ASP A 275 -6.45 -8.12 -4.40
N ILE A 276 -7.34 -8.33 -3.43
CA ILE A 276 -8.76 -8.40 -3.73
C ILE A 276 -9.20 -7.09 -4.38
N ALA A 277 -8.83 -5.95 -3.81
CA ALA A 277 -9.28 -4.67 -4.32
C ALA A 277 -8.80 -4.42 -5.75
N TYR A 278 -7.52 -4.77 -6.03
CA TYR A 278 -7.02 -4.71 -7.39
C TYR A 278 -7.81 -5.63 -8.29
N ASN A 279 -8.10 -6.83 -7.79
CA ASN A 279 -8.76 -7.84 -8.60
C ASN A 279 -10.13 -7.33 -9.05
N ILE A 280 -10.86 -6.72 -8.10
CA ILE A 280 -12.24 -6.34 -8.41
C ILE A 280 -12.23 -5.07 -9.27
N GLU A 281 -11.25 -4.19 -9.08
CA GLU A 281 -11.10 -3.01 -9.93
C GLU A 281 -10.94 -3.47 -11.39
N LYS A 282 -10.17 -4.55 -11.59
CA LYS A 282 -9.86 -5.02 -12.93
C LYS A 282 -10.96 -5.91 -13.49
N LYS A 283 -11.59 -6.72 -12.65
CA LYS A 283 -12.47 -7.76 -13.17
C LYS A 283 -13.96 -7.44 -12.99
N GLY A 284 -14.31 -6.57 -12.04
CA GLY A 284 -15.71 -6.31 -11.70
C GLY A 284 -16.27 -5.03 -12.31
N VAL A 285 -15.42 -4.03 -12.56
CA VAL A 285 -15.86 -2.74 -13.06
C VAL A 285 -16.13 -2.78 -14.56
N LEU A 286 -17.31 -2.30 -14.96
CA LEU A 286 -17.73 -2.29 -16.35
C LEU A 286 -17.24 -1.02 -17.04
N LYS A 287 -17.47 -0.90 -18.35
CA LYS A 287 -16.88 0.23 -19.06
C LYS A 287 -17.55 1.54 -18.61
N ASP A 288 -18.78 1.52 -18.04
CA ASP A 288 -19.39 2.75 -17.52
C ASP A 288 -18.91 3.09 -16.11
N GLY A 289 -18.07 2.24 -15.51
CA GLY A 289 -17.54 2.50 -14.17
C GLY A 289 -18.38 1.81 -13.08
N SER A 290 -19.51 1.20 -13.46
CA SER A 290 -20.37 0.51 -12.50
C SER A 290 -19.80 -0.89 -12.23
N LEU A 291 -20.33 -1.60 -11.23
CA LEU A 291 -19.91 -2.99 -11.01
C LEU A 291 -21.00 -3.97 -11.39
N ALA A 292 -20.58 -5.04 -12.08
CA ALA A 292 -21.39 -6.20 -12.33
C ALA A 292 -21.73 -6.88 -11.01
N TYR A 293 -22.63 -7.87 -11.07
CA TYR A 293 -23.10 -8.55 -9.87
C TYR A 293 -22.35 -9.85 -9.61
N GLU A 294 -22.43 -10.79 -10.56
CA GLU A 294 -21.92 -12.13 -10.32
C GLU A 294 -21.39 -12.69 -11.63
N ASN A 295 -20.49 -13.67 -11.49
CA ASN A 295 -20.03 -14.47 -12.62
C ASN A 295 -20.17 -15.94 -12.24
N GLU A 296 -21.18 -16.58 -12.83
CA GLU A 296 -21.54 -17.94 -12.50
C GLU A 296 -21.20 -18.81 -13.70
N ASN A 297 -20.31 -19.78 -13.49
CA ASN A 297 -19.78 -20.56 -14.59
C ASN A 297 -19.06 -19.54 -15.47
N GLY A 298 -19.37 -19.47 -16.75
CA GLY A 298 -18.76 -18.43 -17.57
C GLY A 298 -19.56 -17.12 -17.56
N LYS A 299 -20.77 -17.11 -16.99
CA LYS A 299 -21.78 -16.14 -17.36
C LYS A 299 -21.84 -15.00 -16.35
N ILE A 300 -21.69 -13.78 -16.84
CA ILE A 300 -21.73 -12.58 -16.04
C ILE A 300 -23.16 -12.05 -15.98
N ASP A 301 -23.62 -11.80 -14.77
CA ASP A 301 -24.83 -11.03 -14.56
C ASP A 301 -24.43 -9.55 -14.47
N TYR A 302 -24.88 -8.77 -15.46
CA TYR A 302 -24.52 -7.37 -15.62
C TYR A 302 -25.50 -6.44 -14.89
N THR A 303 -26.39 -6.99 -14.07
CA THR A 303 -27.25 -6.17 -13.23
C THR A 303 -26.38 -5.35 -12.27
N ARG A 304 -26.67 -4.05 -12.18
CA ARG A 304 -26.04 -3.17 -11.22
C ARG A 304 -26.87 -3.13 -9.93
N VAL A 305 -26.38 -3.81 -8.89
CA VAL A 305 -27.12 -4.01 -7.65
C VAL A 305 -26.64 -2.93 -6.69
N TRP A 306 -27.57 -2.31 -5.94
CA TRP A 306 -27.26 -1.13 -5.16
C TRP A 306 -26.12 -1.38 -4.15
N TRP A 307 -26.21 -2.46 -3.40
CA TRP A 307 -25.24 -2.68 -2.31
C TRP A 307 -23.84 -2.96 -2.85
N VAL A 308 -23.78 -3.58 -4.04
CA VAL A 308 -22.51 -3.87 -4.69
C VAL A 308 -21.76 -2.57 -5.01
N GLN A 309 -22.49 -1.56 -5.49
CA GLN A 309 -21.87 -0.31 -5.89
C GLN A 309 -21.29 0.37 -4.66
N VAL A 310 -22.05 0.46 -3.56
CA VAL A 310 -21.53 1.22 -2.43
C VAL A 310 -20.39 0.48 -1.71
N GLU A 311 -20.46 -0.84 -1.60
CA GLU A 311 -19.34 -1.61 -1.04
C GLU A 311 -18.10 -1.41 -1.90
N ALA A 312 -18.25 -1.34 -3.21
CA ALA A 312 -17.10 -1.08 -4.08
C ALA A 312 -16.51 0.31 -3.78
N MET A 313 -17.38 1.30 -3.56
CA MET A 313 -16.87 2.65 -3.26
C MET A 313 -16.07 2.61 -1.96
N VAL A 314 -16.55 1.89 -0.94
CA VAL A 314 -15.84 1.89 0.32
C VAL A 314 -14.52 1.11 0.15
N GLY A 315 -14.59 -0.06 -0.45
CA GLY A 315 -13.43 -0.95 -0.52
C GLY A 315 -12.35 -0.33 -1.38
N PHE A 316 -12.77 0.34 -2.45
CA PHE A 316 -11.83 1.00 -3.35
C PHE A 316 -11.17 2.19 -2.65
N TYR A 317 -11.92 2.94 -1.84
CA TYR A 317 -11.34 4.05 -1.11
C TYR A 317 -10.35 3.58 -0.04
N ASN A 318 -10.69 2.50 0.67
CA ASN A 318 -9.77 1.87 1.60
C ASN A 318 -8.47 1.50 0.89
N ALA A 319 -8.60 0.82 -0.25
CA ALA A 319 -7.47 0.44 -1.06
C ALA A 319 -6.62 1.65 -1.47
N TYR A 320 -7.29 2.77 -1.78
CA TYR A 320 -6.60 4.00 -2.12
C TYR A 320 -5.76 4.46 -0.94
N GLU A 321 -6.34 4.38 0.27
CA GLU A 321 -5.64 4.74 1.50
C GLU A 321 -4.36 3.90 1.66
N LYS A 322 -4.40 2.61 1.33
CA LYS A 322 -3.25 1.75 1.52
C LYS A 322 -2.25 1.83 0.37
N THR A 323 -2.69 2.18 -0.83
CA THR A 323 -1.81 2.09 -1.99
C THR A 323 -1.47 3.47 -2.57
N LYS A 324 -2.25 4.52 -2.24
CA LYS A 324 -2.17 5.83 -2.88
C LYS A 324 -2.24 5.72 -4.40
N ASP A 325 -2.90 4.68 -4.87
CA ASP A 325 -3.05 4.45 -6.29
C ASP A 325 -4.33 5.11 -6.76
N GLU A 326 -4.15 6.19 -7.54
CA GLU A 326 -5.22 7.01 -8.07
C GLU A 326 -6.30 6.19 -8.81
N LYS A 327 -5.94 5.05 -9.43
CA LYS A 327 -6.85 4.10 -10.04
C LYS A 327 -8.10 3.87 -9.16
N PHE A 328 -7.88 3.79 -7.84
CA PHE A 328 -8.96 3.48 -6.91
C PHE A 328 -9.85 4.71 -6.72
N LEU A 329 -9.24 5.90 -6.64
CA LEU A 329 -9.96 7.16 -6.53
C LEU A 329 -10.82 7.35 -7.76
N LYS A 330 -10.19 7.19 -8.93
CA LYS A 330 -10.97 7.29 -10.15
C LYS A 330 -12.14 6.30 -10.10
N ALA A 331 -11.94 5.11 -9.55
CA ALA A 331 -12.99 4.09 -9.61
C ALA A 331 -14.18 4.56 -8.77
N VAL A 332 -13.87 5.12 -7.60
CA VAL A 332 -14.84 5.61 -6.64
C VAL A 332 -15.66 6.73 -7.31
N GLU A 333 -14.97 7.67 -7.97
CA GLU A 333 -15.66 8.79 -8.59
C GLU A 333 -16.64 8.29 -9.64
N ARG A 334 -16.23 7.33 -10.48
CA ARG A 334 -17.06 6.87 -11.57
C ARG A 334 -18.26 6.03 -11.07
N ILE A 335 -18.07 5.24 -10.00
CA ILE A 335 -19.22 4.55 -9.43
C ILE A 335 -20.22 5.60 -8.93
N TRP A 336 -19.73 6.62 -8.24
CA TRP A 336 -20.62 7.60 -7.66
C TRP A 336 -21.44 8.30 -8.74
N ASP A 337 -20.79 8.69 -9.85
CA ASP A 337 -21.52 9.26 -10.97
C ASP A 337 -22.60 8.34 -11.50
N TYR A 338 -22.26 7.06 -11.67
CA TYR A 338 -23.24 6.11 -12.12
C TYR A 338 -24.43 6.06 -11.14
N VAL A 339 -24.10 5.98 -9.84
CA VAL A 339 -25.09 5.86 -8.78
C VAL A 339 -26.04 7.06 -8.78
N LYS A 340 -25.50 8.28 -8.86
CA LYS A 340 -26.36 9.45 -8.93
C LYS A 340 -27.18 9.45 -10.21
N THR A 341 -26.63 8.96 -11.33
CA THR A 341 -27.35 8.99 -12.58
C THR A 341 -28.44 7.93 -12.66
N TYR A 342 -28.22 6.71 -12.15
CA TYR A 342 -29.13 5.62 -12.42
C TYR A 342 -29.74 4.97 -11.18
N MET A 343 -29.08 5.03 -10.03
CA MET A 343 -29.45 4.19 -8.90
C MET A 343 -30.25 4.95 -7.86
N ILE A 344 -29.99 6.26 -7.68
CA ILE A 344 -30.71 7.03 -6.67
C ILE A 344 -32.03 7.47 -7.30
N ASP A 345 -33.15 7.14 -6.65
CA ASP A 345 -34.49 7.34 -7.19
C ASP A 345 -34.80 8.83 -7.06
N SER A 346 -35.30 9.47 -8.11
CA SER A 346 -35.67 10.87 -7.97
C SER A 346 -37.19 11.03 -7.77
N ARG A 347 -37.92 9.93 -7.59
CA ARG A 347 -39.33 10.06 -7.29
C ARG A 347 -39.49 10.61 -5.89
N GLU A 348 -40.54 11.42 -5.69
CA GLU A 348 -40.95 11.80 -4.36
C GLU A 348 -41.50 10.54 -3.68
N GLY A 349 -40.95 10.25 -2.52
CA GLY A 349 -41.31 9.03 -1.83
C GLY A 349 -40.23 7.95 -1.96
N GLY A 350 -39.24 8.17 -2.83
CA GLY A 350 -38.26 7.15 -3.18
C GLY A 350 -36.97 7.21 -2.34
N GLU A 351 -36.07 6.24 -2.61
CA GLU A 351 -34.79 6.20 -1.93
C GLU A 351 -33.76 5.81 -2.99
N TRP A 352 -33.27 4.57 -2.89
CA TRP A 352 -32.46 3.98 -3.93
C TRP A 352 -33.21 2.79 -4.53
N TYR A 353 -33.03 2.61 -5.83
CA TYR A 353 -33.51 1.38 -6.44
C TYR A 353 -32.70 0.17 -5.99
N TRP A 354 -33.35 -0.99 -6.00
CA TRP A 354 -32.69 -2.24 -5.68
C TRP A 354 -31.55 -2.48 -6.67
N SER A 355 -31.88 -2.35 -7.95
CA SER A 355 -30.89 -2.60 -9.00
C SER A 355 -31.27 -1.87 -10.26
N VAL A 356 -30.31 -1.81 -11.20
CA VAL A 356 -30.51 -1.23 -12.52
C VAL A 356 -30.09 -2.26 -13.56
N GLU A 357 -30.92 -2.43 -14.59
CA GLU A 357 -30.62 -3.33 -15.70
C GLU A 357 -29.56 -2.70 -16.63
N ALA A 358 -29.01 -3.51 -17.55
CA ALA A 358 -27.95 -3.07 -18.46
C ALA A 358 -28.44 -1.95 -19.39
N ASP A 359 -29.74 -1.92 -19.68
CA ASP A 359 -30.32 -0.88 -20.50
C ASP A 359 -30.44 0.45 -19.75
N GLY A 360 -30.09 0.48 -18.45
CA GLY A 360 -30.20 1.70 -17.66
C GLY A 360 -31.54 1.85 -16.94
N GLN A 361 -32.45 0.91 -17.13
CA GLN A 361 -33.76 1.04 -16.48
C GLN A 361 -33.73 0.39 -15.09
N PRO A 362 -34.46 0.98 -14.13
CA PRO A 362 -34.61 0.38 -12.80
C PRO A 362 -35.29 -0.99 -12.83
N THR A 363 -34.75 -1.93 -12.04
CA THR A 363 -35.39 -3.22 -11.84
C THR A 363 -36.62 -2.97 -10.96
N LYS A 364 -37.73 -3.63 -11.28
CA LYS A 364 -39.00 -3.34 -10.61
C LYS A 364 -39.12 -4.22 -9.39
N ARG A 365 -38.29 -3.94 -8.40
CA ARG A 365 -38.18 -4.69 -7.17
C ARG A 365 -38.40 -3.71 -6.05
N GLU A 366 -38.73 -4.23 -4.87
CA GLU A 366 -39.07 -3.40 -3.71
C GLU A 366 -37.90 -2.48 -3.33
N ILE A 367 -38.26 -1.33 -2.74
CA ILE A 367 -37.31 -0.33 -2.30
C ILE A 367 -36.94 -0.57 -0.85
N ALA A 368 -37.85 -1.18 -0.11
CA ALA A 368 -37.61 -1.49 1.28
C ALA A 368 -38.30 -2.81 1.59
N GLY A 369 -37.59 -3.65 2.35
CA GLY A 369 -38.14 -4.90 2.80
C GLY A 369 -37.11 -5.78 3.49
N PRO A 370 -37.41 -7.07 3.70
CA PRO A 370 -36.55 -7.94 4.47
C PRO A 370 -35.10 -7.94 4.00
N TRP A 371 -34.89 -7.76 2.69
CA TRP A 371 -33.54 -7.85 2.14
C TRP A 371 -33.05 -6.52 1.59
N LYS A 372 -33.75 -5.41 1.88
CA LYS A 372 -33.26 -4.11 1.44
C LYS A 372 -33.60 -3.08 2.51
N CYS A 373 -32.53 -2.53 3.09
CA CYS A 373 -32.69 -1.65 4.23
C CYS A 373 -31.56 -0.61 4.14
N PRO A 374 -31.37 0.24 5.18
CA PRO A 374 -30.42 1.34 5.05
C PRO A 374 -28.98 1.06 5.45
N TYR A 375 -28.63 -0.18 5.77
CA TYR A 375 -27.31 -0.48 6.31
C TYR A 375 -26.21 -0.23 5.28
N HIS A 376 -26.32 -0.83 4.08
CA HIS A 376 -25.22 -0.75 3.12
C HIS A 376 -24.97 0.71 2.69
N ASN A 377 -26.02 1.38 2.25
CA ASN A 377 -25.88 2.73 1.70
C ASN A 377 -25.59 3.77 2.80
N ALA A 378 -26.21 3.67 3.98
CA ALA A 378 -25.86 4.55 5.08
C ALA A 378 -24.41 4.35 5.50
N ARG A 379 -24.01 3.09 5.70
CA ARG A 379 -22.67 2.77 6.10
C ARG A 379 -21.66 3.37 5.11
N PHE A 380 -21.93 3.24 3.81
CA PHE A 380 -21.04 3.81 2.82
C PHE A 380 -20.84 5.32 3.06
N CYS A 381 -21.94 6.08 3.19
CA CYS A 381 -21.84 7.51 3.41
C CYS A 381 -21.05 7.78 4.69
N LEU A 382 -21.34 7.05 5.76
CA LEU A 382 -20.70 7.24 7.06
C LEU A 382 -19.21 6.89 7.06
N GLU A 383 -18.84 5.86 6.31
CA GLU A 383 -17.44 5.48 6.24
C GLU A 383 -16.60 6.61 5.64
N PHE A 384 -17.06 7.17 4.53
CA PHE A 384 -16.37 8.30 3.90
C PHE A 384 -16.35 9.52 4.82
N ILE A 385 -17.48 9.84 5.42
CA ILE A 385 -17.49 10.95 6.36
C ILE A 385 -16.39 10.80 7.42
N GLU A 386 -16.28 9.61 8.02
CA GLU A 386 -15.37 9.37 9.13
C GLU A 386 -13.93 9.27 8.62
N ARG A 387 -13.72 8.65 7.45
CA ARG A 387 -12.36 8.48 6.96
C ARG A 387 -11.75 9.83 6.55
N VAL A 388 -12.57 10.70 5.93
CA VAL A 388 -12.22 12.07 5.59
C VAL A 388 -12.81 13.02 6.67
N MET B 1 16.84 23.17 9.91
CA MET B 1 15.62 23.48 10.71
C MET B 1 14.40 22.80 10.08
N ASN B 2 13.43 22.53 10.97
CA ASN B 2 12.12 21.93 10.68
C ASN B 2 11.46 22.45 9.40
N THR B 3 11.59 23.73 9.08
CA THR B 3 10.83 24.33 7.98
C THR B 3 11.40 23.86 6.65
N PHE B 4 12.74 23.71 6.58
CA PHE B 4 13.44 23.21 5.40
C PHE B 4 13.10 21.74 5.17
N VAL B 5 13.05 20.96 6.25
CA VAL B 5 12.82 19.54 6.12
C VAL B 5 11.37 19.26 5.73
N ASN B 6 10.43 20.07 6.23
CA ASN B 6 9.04 20.01 5.78
C ASN B 6 8.96 20.14 4.26
N GLU B 7 9.74 21.07 3.69
CA GLU B 7 9.78 21.25 2.24
C GLU B 7 10.35 20.01 1.55
N PHE B 8 11.42 19.42 2.08
CA PHE B 8 12.01 18.22 1.51
C PHE B 8 11.04 17.06 1.55
N ARG B 9 10.30 16.97 2.67
CA ARG B 9 9.35 15.89 2.86
C ARG B 9 8.18 16.01 1.88
N ASN B 10 7.64 17.22 1.77
CA ASN B 10 6.57 17.54 0.83
C ASN B 10 7.01 17.19 -0.59
N GLU B 11 8.24 17.61 -0.95
CA GLU B 11 8.76 17.33 -2.28
C GLU B 11 8.77 15.83 -2.50
N LEU B 12 9.28 15.07 -1.53
CA LEU B 12 9.38 13.62 -1.65
C LEU B 12 8.03 12.94 -1.82
N GLU B 13 7.08 13.29 -0.94
CA GLU B 13 5.82 12.55 -0.84
C GLU B 13 4.78 13.03 -1.81
N THR B 14 4.79 14.32 -2.18
CA THR B 14 3.76 14.81 -3.11
C THR B 14 4.27 14.84 -4.56
N HIS B 15 5.59 14.72 -4.80
CA HIS B 15 6.10 14.92 -6.16
C HIS B 15 6.98 13.74 -6.59
N ILE B 16 8.07 13.45 -5.87
CA ILE B 16 9.04 12.46 -6.30
C ILE B 16 8.42 11.06 -6.30
N LEU B 17 7.93 10.61 -5.15
CA LEU B 17 7.50 9.23 -5.05
C LEU B 17 6.23 8.99 -5.87
N PRO B 18 5.25 9.92 -5.95
CA PRO B 18 4.12 9.77 -6.88
C PRO B 18 4.52 9.61 -8.35
N PHE B 19 5.58 10.31 -8.80
CA PHE B 19 6.03 10.20 -10.17
C PHE B 19 6.52 8.76 -10.42
N TRP B 20 7.36 8.25 -9.53
CA TRP B 20 7.93 6.93 -9.72
C TRP B 20 6.85 5.84 -9.62
N ALA B 21 5.87 6.01 -8.72
CA ALA B 21 4.78 5.04 -8.61
C ALA B 21 4.01 4.91 -9.92
N LYS B 22 3.88 6.04 -10.66
CA LYS B 22 3.16 6.05 -11.92
C LYS B 22 3.89 5.24 -12.99
N LEU B 23 5.16 4.90 -12.74
CA LEU B 23 5.88 4.11 -13.70
C LEU B 23 5.79 2.62 -13.39
N LYS B 24 4.96 2.22 -12.40
CA LYS B 24 4.85 0.83 -12.04
C LYS B 24 4.27 0.01 -13.21
N ASP B 25 4.98 -1.04 -13.60
CA ASP B 25 4.60 -1.83 -14.77
C ASP B 25 4.00 -3.14 -14.30
N ASP B 26 2.67 -3.25 -14.27
CA ASP B 26 2.03 -4.46 -13.73
C ASP B 26 2.09 -5.60 -14.75
N GLU B 27 2.01 -5.29 -16.04
CA GLU B 27 1.97 -6.35 -17.04
C GLU B 27 3.32 -7.06 -17.11
N ASN B 28 4.42 -6.31 -17.17
CA ASN B 28 5.72 -6.91 -17.45
C ASN B 28 6.65 -6.85 -16.24
N GLY B 29 6.25 -6.19 -15.16
CA GLY B 29 7.04 -6.17 -13.95
C GLY B 29 7.98 -4.97 -13.87
N GLY B 30 8.40 -4.65 -12.63
CA GLY B 30 9.27 -3.52 -12.42
C GLY B 30 8.64 -2.19 -12.86
N TYR B 31 9.50 -1.27 -13.31
CA TYR B 31 9.12 0.09 -13.63
C TYR B 31 9.48 0.35 -15.10
N TYR B 32 8.64 1.09 -15.83
CA TYR B 32 8.91 1.49 -17.20
C TYR B 32 10.31 2.10 -17.28
N GLY B 33 11.03 1.73 -18.34
CA GLY B 33 12.49 1.90 -18.39
C GLY B 33 12.95 3.27 -18.88
N LEU B 34 12.07 4.10 -19.45
CA LEU B 34 12.44 5.42 -19.96
C LEU B 34 11.24 6.38 -19.95
N VAL B 35 11.51 7.57 -19.44
CA VAL B 35 10.65 8.72 -19.62
C VAL B 35 11.56 9.80 -20.18
N ASP B 36 11.22 10.26 -21.40
N ASP B 36 11.33 10.22 -21.43
CA ASP B 36 12.00 11.24 -22.14
CA ASP B 36 12.22 11.19 -22.06
C ASP B 36 11.89 12.62 -21.52
C ASP B 36 11.92 12.58 -21.55
N TYR B 37 12.72 13.55 -21.99
CA TYR B 37 12.62 14.94 -21.59
C TYR B 37 11.22 15.49 -21.83
N ASP B 38 10.55 15.07 -22.92
N ASP B 38 10.58 15.01 -22.91
CA ASP B 38 9.25 15.60 -23.28
CA ASP B 38 9.26 15.45 -23.37
C ASP B 38 8.13 14.80 -22.61
C ASP B 38 8.13 14.90 -22.52
N LEU B 39 8.49 14.01 -21.58
CA LEU B 39 7.57 13.28 -20.72
C LEU B 39 6.83 12.15 -21.45
N HIS B 40 7.32 11.70 -22.61
CA HIS B 40 6.80 10.43 -23.13
C HIS B 40 7.37 9.26 -22.31
N VAL B 41 6.51 8.36 -21.88
CA VAL B 41 6.87 7.11 -21.26
C VAL B 41 7.05 6.03 -22.32
N HIS B 42 8.20 5.37 -22.31
CA HIS B 42 8.44 4.31 -23.27
C HIS B 42 8.33 2.98 -22.55
N LYS B 43 7.14 2.35 -22.63
CA LYS B 43 6.81 1.15 -21.88
C LYS B 43 7.60 -0.05 -22.37
N ASP B 44 8.16 0.04 -23.58
CA ASP B 44 8.92 -1.05 -24.19
C ASP B 44 10.43 -0.83 -24.04
N ALA B 45 10.83 0.18 -23.27
CA ALA B 45 12.25 0.44 -23.04
C ALA B 45 12.85 -0.64 -22.16
N GLY B 46 14.15 -0.86 -22.33
CA GLY B 46 14.93 -1.71 -21.46
C GLY B 46 14.98 -1.18 -20.03
N LYS B 47 15.15 -2.13 -19.12
CA LYS B 47 15.15 -1.91 -17.68
C LYS B 47 16.51 -2.21 -17.09
N GLY B 48 17.16 -1.16 -16.59
CA GLY B 48 18.45 -1.28 -15.95
C GLY B 48 18.40 -2.18 -14.71
N GLY B 49 19.48 -2.95 -14.54
CA GLY B 49 19.72 -3.74 -13.34
C GLY B 49 19.96 -2.83 -12.15
N ILE B 50 20.80 -1.81 -12.34
CA ILE B 50 21.12 -0.91 -11.25
C ILE B 50 19.89 -0.06 -10.97
N ALA B 51 19.16 0.38 -12.01
CA ALA B 51 17.95 1.16 -11.83
C ALA B 51 16.91 0.39 -11.02
N THR B 52 16.78 -0.92 -11.27
CA THR B 52 15.85 -1.72 -10.51
C THR B 52 16.30 -1.76 -9.05
N CYS B 53 17.60 -1.97 -8.77
CA CYS B 53 18.09 -1.91 -7.39
C CYS B 53 17.77 -0.57 -6.72
N ARG B 54 18.05 0.55 -7.43
CA ARG B 54 17.85 1.87 -6.88
C ARG B 54 16.39 2.12 -6.59
N GLN B 55 15.49 1.62 -7.43
CA GLN B 55 14.07 1.71 -7.17
C GLN B 55 13.70 0.93 -5.89
N LEU B 56 14.18 -0.31 -5.78
CA LEU B 56 13.98 -1.10 -4.56
C LEU B 56 14.51 -0.37 -3.32
N TRP B 57 15.72 0.18 -3.42
CA TRP B 57 16.32 0.87 -2.30
C TRP B 57 15.42 2.03 -1.90
N ALA B 58 14.98 2.86 -2.89
CA ALA B 58 14.30 4.10 -2.58
C ALA B 58 13.00 3.82 -1.86
N PHE B 59 12.24 2.88 -2.40
CA PHE B 59 10.91 2.60 -1.87
C PHE B 59 11.03 1.89 -0.52
N SER B 60 12.04 1.03 -0.35
CA SER B 60 12.28 0.41 0.97
C SER B 60 12.65 1.43 2.04
N ALA B 61 13.55 2.37 1.70
CA ALA B 61 14.00 3.38 2.64
C ALA B 61 12.86 4.31 2.99
N ALA B 62 12.02 4.63 1.98
CA ALA B 62 10.91 5.52 2.21
C ALA B 62 9.92 4.85 3.19
N TYR B 63 9.71 3.57 3.02
CA TYR B 63 8.87 2.81 3.94
C TYR B 63 9.53 2.79 5.32
N ARG B 64 10.84 2.54 5.40
CA ARG B 64 11.52 2.54 6.69
C ARG B 64 11.25 3.82 7.45
N VAL B 65 11.40 4.98 6.79
CA VAL B 65 11.41 6.26 7.46
C VAL B 65 10.00 6.78 7.64
N LEU B 66 9.14 6.59 6.61
CA LEU B 66 7.85 7.26 6.56
C LEU B 66 6.69 6.31 6.91
N LYS B 67 6.87 5.00 6.71
CA LYS B 67 6.00 3.99 7.28
C LYS B 67 4.66 3.87 6.56
N LYS B 68 4.55 4.33 5.31
CA LYS B 68 3.31 4.18 4.57
C LYS B 68 3.30 2.89 3.74
N GLU B 69 2.19 2.14 3.87
CA GLU B 69 2.01 0.86 3.19
C GLU B 69 2.25 1.01 1.69
N ALA B 70 1.85 2.17 1.18
CA ALA B 70 2.02 2.47 -0.24
C ALA B 70 3.47 2.23 -0.69
N TYR B 71 4.46 2.65 0.11
CA TYR B 71 5.87 2.55 -0.27
C TYR B 71 6.31 1.10 -0.22
N LEU B 72 5.79 0.34 0.75
CA LEU B 72 6.14 -1.08 0.81
C LEU B 72 5.64 -1.82 -0.42
N GLN B 73 4.43 -1.49 -0.89
CA GLN B 73 3.85 -2.15 -2.05
C GLN B 73 4.75 -1.93 -3.26
N GLN B 74 5.27 -0.68 -3.39
CA GLN B 74 6.19 -0.37 -4.49
C GLN B 74 7.49 -1.16 -4.31
N ALA B 75 8.03 -1.17 -3.11
CA ALA B 75 9.23 -1.94 -2.81
C ALA B 75 9.07 -3.41 -3.17
N ASN B 76 7.94 -4.01 -2.79
CA ASN B 76 7.65 -5.40 -3.13
C ASN B 76 7.73 -5.63 -4.62
N HIS B 77 7.17 -4.69 -5.40
CA HIS B 77 7.12 -4.80 -6.84
C HIS B 77 8.55 -4.79 -7.40
N ALA B 78 9.39 -3.86 -6.92
CA ALA B 78 10.77 -3.79 -7.38
C ALA B 78 11.50 -5.08 -7.01
N TYR B 79 11.28 -5.54 -5.78
CA TYR B 79 11.92 -6.76 -5.29
C TYR B 79 11.60 -7.96 -6.19
N ARG B 80 10.32 -8.13 -6.57
CA ARG B 80 9.92 -9.21 -7.47
C ARG B 80 10.66 -9.11 -8.81
N PHE B 81 10.73 -7.91 -9.39
CA PHE B 81 11.43 -7.76 -10.66
C PHE B 81 12.91 -8.05 -10.49
N LEU B 82 13.51 -7.58 -9.40
CA LEU B 82 14.93 -7.80 -9.19
C LEU B 82 15.26 -9.29 -9.10
N THR B 83 14.51 -10.00 -8.26
CA THR B 83 14.82 -11.39 -7.93
C THR B 83 14.29 -12.34 -9.00
N GLU B 84 13.21 -11.97 -9.68
CA GLU B 84 12.66 -12.87 -10.69
C GLU B 84 13.38 -12.71 -12.03
N TYR B 85 13.84 -11.50 -12.43
CA TYR B 85 14.37 -11.32 -13.77
C TYR B 85 15.79 -10.75 -13.81
N VAL B 86 16.13 -9.80 -12.93
CA VAL B 86 17.45 -9.17 -13.01
C VAL B 86 18.52 -10.13 -12.49
N PHE B 87 18.19 -10.94 -11.48
CA PHE B 87 19.12 -11.93 -10.96
C PHE B 87 19.18 -13.09 -11.94
N ASP B 88 20.41 -13.41 -12.35
CA ASP B 88 20.74 -14.56 -13.20
C ASP B 88 20.78 -15.84 -12.35
N HIS B 89 19.75 -16.69 -12.43
CA HIS B 89 19.64 -17.86 -11.56
C HIS B 89 20.61 -18.97 -11.99
N GLN B 90 21.13 -18.90 -13.22
CA GLN B 90 22.09 -19.87 -13.69
C GLN B 90 23.48 -19.50 -13.22
N TYR B 91 24.06 -18.42 -13.76
CA TYR B 91 25.46 -18.07 -13.50
C TYR B 91 25.59 -17.09 -12.33
N LYS B 92 24.46 -16.64 -11.77
CA LYS B 92 24.38 -15.91 -10.51
C LYS B 92 24.78 -14.44 -10.71
N GLY B 93 24.27 -13.58 -9.81
CA GLY B 93 24.54 -12.16 -9.85
C GLY B 93 23.56 -11.44 -10.77
N LEU B 94 23.62 -10.10 -10.77
CA LEU B 94 22.62 -9.29 -11.45
C LEU B 94 23.13 -8.96 -12.86
N TYR B 95 22.22 -9.12 -13.81
CA TYR B 95 22.46 -8.65 -15.16
C TYR B 95 22.49 -7.12 -15.20
N TRP B 96 23.23 -6.60 -16.18
CA TRP B 96 23.37 -5.17 -16.41
C TRP B 96 22.05 -4.58 -16.89
N MET B 97 21.42 -5.24 -17.89
CA MET B 97 20.18 -4.75 -18.48
C MET B 97 19.31 -5.93 -18.86
N VAL B 98 18.00 -5.79 -18.64
CA VAL B 98 17.00 -6.70 -19.19
C VAL B 98 16.08 -5.86 -20.07
N ASP B 99 15.36 -6.53 -20.96
CA ASP B 99 14.41 -5.87 -21.81
C ASP B 99 13.11 -5.70 -21.01
N TYR B 100 12.09 -5.13 -21.63
CA TYR B 100 10.90 -4.70 -20.91
C TYR B 100 10.11 -5.89 -20.39
N LYS B 101 10.36 -7.08 -20.97
CA LYS B 101 9.75 -8.30 -20.48
C LYS B 101 10.62 -9.06 -19.48
N GLY B 102 11.82 -8.55 -19.18
CA GLY B 102 12.66 -9.22 -18.19
C GLY B 102 13.67 -10.19 -18.80
N ASN B 103 13.66 -10.36 -20.13
CA ASN B 103 14.67 -11.17 -20.80
C ASN B 103 16.00 -10.44 -20.78
N PRO B 104 17.12 -11.14 -20.48
CA PRO B 104 18.44 -10.52 -20.57
C PRO B 104 18.67 -9.78 -21.89
N SER B 105 19.08 -8.50 -21.79
CA SER B 105 19.46 -7.76 -22.98
C SER B 105 20.93 -7.36 -22.88
N ASP B 106 21.47 -7.32 -21.67
CA ASP B 106 22.90 -7.13 -21.50
C ASP B 106 23.34 -7.91 -20.28
N ASP B 107 23.97 -9.07 -20.54
CA ASP B 107 24.22 -10.07 -19.51
C ASP B 107 25.58 -9.90 -18.86
N ARG B 108 26.28 -8.80 -19.14
CA ARG B 108 27.55 -8.54 -18.48
C ARG B 108 27.32 -8.49 -16.97
N LYS B 109 28.27 -9.04 -16.21
CA LYS B 109 28.26 -8.95 -14.76
C LYS B 109 29.28 -7.90 -14.31
N HIS B 110 28.77 -6.82 -13.70
CA HIS B 110 29.61 -5.73 -13.24
C HIS B 110 29.54 -5.65 -11.71
N VAL B 111 30.71 -5.50 -11.08
CA VAL B 111 30.80 -5.45 -9.62
C VAL B 111 29.91 -4.33 -9.07
N TYR B 112 29.90 -3.18 -9.76
CA TYR B 112 29.12 -2.01 -9.41
C TYR B 112 27.63 -2.34 -9.23
N ALA B 113 27.11 -3.15 -10.15
CA ALA B 113 25.73 -3.58 -10.13
C ALA B 113 25.50 -4.51 -8.94
N GLN B 114 26.51 -5.34 -8.63
CA GLN B 114 26.34 -6.30 -7.56
C GLN B 114 26.32 -5.55 -6.23
N ALA B 115 27.10 -4.48 -6.14
CA ALA B 115 27.11 -3.66 -4.95
C ALA B 115 25.72 -3.05 -4.75
N PHE B 116 25.14 -2.51 -5.84
CA PHE B 116 23.82 -1.89 -5.72
C PHE B 116 22.76 -2.94 -5.34
N GLY B 117 22.90 -4.17 -5.84
CA GLY B 117 22.11 -5.32 -5.37
C GLY B 117 22.15 -5.49 -3.84
N VAL B 118 23.37 -5.52 -3.25
CA VAL B 118 23.52 -5.67 -1.81
C VAL B 118 22.86 -4.49 -1.09
N TYR B 119 23.12 -3.28 -1.59
CA TYR B 119 22.56 -2.10 -0.95
C TYR B 119 21.03 -2.18 -0.89
N ALA B 120 20.42 -2.51 -2.02
CA ALA B 120 18.98 -2.46 -2.13
C ALA B 120 18.33 -3.61 -1.33
N LEU B 121 18.87 -4.81 -1.44
CA LEU B 121 18.30 -5.99 -0.78
C LEU B 121 18.39 -5.87 0.74
N THR B 122 19.50 -5.31 1.25
CA THR B 122 19.67 -5.14 2.68
C THR B 122 18.68 -4.09 3.19
N GLU B 123 18.43 -3.04 2.40
CA GLU B 123 17.43 -2.07 2.80
C GLU B 123 16.05 -2.72 2.88
N TYR B 124 15.72 -3.50 1.86
CA TYR B 124 14.45 -4.21 1.83
C TYR B 124 14.36 -5.16 3.03
N TYR B 125 15.49 -5.84 3.33
CA TYR B 125 15.55 -6.71 4.51
C TYR B 125 15.24 -5.91 5.78
N ARG B 126 15.78 -4.69 5.91
CA ARG B 126 15.57 -3.90 7.11
C ARG B 126 14.09 -3.69 7.38
N VAL B 127 13.26 -3.65 6.33
CA VAL B 127 11.86 -3.29 6.53
C VAL B 127 10.93 -4.50 6.47
N THR B 128 11.39 -5.67 5.97
CA THR B 128 10.55 -6.86 5.80
C THR B 128 11.02 -8.03 6.67
N GLN B 129 12.32 -8.11 6.97
CA GLN B 129 12.94 -9.32 7.55
C GLN B 129 12.75 -10.52 6.63
N ASN B 130 12.58 -10.28 5.33
CA ASN B 130 12.48 -11.36 4.36
C ASN B 130 13.85 -12.02 4.22
N GLN B 131 13.96 -13.30 4.65
CA GLN B 131 15.26 -13.98 4.74
C GLN B 131 15.79 -14.31 3.35
N GLU B 132 14.91 -14.53 2.38
CA GLU B 132 15.35 -14.77 1.02
CA GLU B 132 15.27 -14.72 0.98
C GLU B 132 16.09 -13.53 0.49
N ALA B 133 15.66 -12.33 0.89
CA ALA B 133 16.31 -11.10 0.46
C ALA B 133 17.73 -10.99 1.02
N LEU B 134 17.87 -11.26 2.34
CA LEU B 134 19.16 -11.24 3.00
C LEU B 134 20.05 -12.31 2.37
N ASP B 135 19.47 -13.45 2.03
CA ASP B 135 20.22 -14.52 1.42
C ASP B 135 20.77 -14.10 0.07
N TYR B 136 19.97 -13.44 -0.78
CA TYR B 136 20.45 -12.93 -2.06
C TYR B 136 21.56 -11.88 -1.83
N ALA B 137 21.37 -11.01 -0.85
CA ALA B 137 22.38 -10.03 -0.52
C ALA B 137 23.71 -10.71 -0.26
N LYS B 138 23.67 -11.76 0.59
CA LYS B 138 24.85 -12.50 1.02
C LYS B 138 25.53 -13.15 -0.18
N GLN B 139 24.74 -13.61 -1.15
CA GLN B 139 25.31 -14.26 -2.32
C GLN B 139 26.07 -13.24 -3.15
N LEU B 140 25.51 -12.02 -3.20
CA LEU B 140 26.13 -10.96 -3.96
C LEU B 140 27.43 -10.56 -3.27
N TYR B 141 27.39 -10.44 -1.93
CA TYR B 141 28.58 -10.17 -1.14
C TYR B 141 29.67 -11.21 -1.45
N LYS B 142 29.29 -12.48 -1.52
CA LYS B 142 30.25 -13.55 -1.75
C LYS B 142 30.91 -13.38 -3.12
N LEU B 143 30.10 -13.06 -4.14
CA LEU B 143 30.58 -12.89 -5.50
C LEU B 143 31.60 -11.75 -5.53
N ILE B 144 31.20 -10.62 -4.94
CA ILE B 144 32.04 -9.44 -4.92
C ILE B 144 33.37 -9.76 -4.25
N GLU B 145 33.33 -10.49 -3.13
CA GLU B 145 34.51 -10.76 -2.32
C GLU B 145 35.43 -11.80 -2.97
N THR B 146 34.94 -12.57 -3.95
CA THR B 146 35.73 -13.64 -4.54
C THR B 146 36.13 -13.26 -5.95
N VAL B 147 35.28 -13.63 -6.90
CA VAL B 147 35.50 -13.35 -8.31
C VAL B 147 35.64 -11.84 -8.55
N GLY B 148 35.15 -11.01 -7.61
CA GLY B 148 35.04 -9.59 -7.86
C GLY B 148 36.11 -8.78 -7.16
N PHE B 149 37.12 -9.46 -6.60
CA PHE B 149 38.15 -8.82 -5.81
C PHE B 149 39.52 -9.33 -6.26
N ASN B 150 40.48 -8.40 -6.34
CA ASN B 150 41.85 -8.70 -6.74
C ASN B 150 42.77 -8.58 -5.52
N GLU B 151 43.04 -9.74 -4.88
CA GLU B 151 43.88 -9.83 -3.69
C GLU B 151 45.30 -9.37 -4.01
N GLU B 152 45.68 -9.48 -5.29
CA GLU B 152 47.00 -9.08 -5.78
C GLU B 152 47.18 -7.56 -5.66
N THR B 153 46.13 -6.78 -5.94
CA THR B 153 46.21 -5.31 -5.89
C THR B 153 45.51 -4.74 -4.65
N ASN B 154 44.76 -5.56 -3.91
CA ASN B 154 43.83 -5.08 -2.89
C ASN B 154 42.92 -4.03 -3.53
N ALA B 155 42.17 -4.46 -4.55
CA ALA B 155 41.19 -3.61 -5.18
C ALA B 155 40.02 -4.45 -5.70
N TYR B 156 38.79 -3.89 -5.66
CA TYR B 156 37.66 -4.55 -6.30
C TYR B 156 37.79 -4.39 -7.82
N LYS B 157 37.30 -5.40 -8.55
CA LYS B 157 37.30 -5.43 -10.01
C LYS B 157 36.06 -4.71 -10.59
N GLU B 158 35.90 -4.84 -11.92
CA GLU B 158 34.94 -4.06 -12.67
C GLU B 158 33.99 -4.97 -13.44
N GLU B 159 34.38 -5.28 -14.70
CA GLU B 159 33.45 -5.82 -15.67
C GLU B 159 33.78 -7.26 -16.04
N PHE B 160 32.74 -8.10 -16.05
CA PHE B 160 32.83 -9.51 -16.37
C PHE B 160 31.79 -9.84 -17.42
N ASN B 161 31.97 -10.99 -18.07
CA ASN B 161 30.94 -11.52 -18.94
C ASN B 161 29.95 -12.25 -18.05
N ARG B 162 28.89 -12.81 -18.66
CA ARG B 162 27.80 -13.47 -17.95
C ARG B 162 28.30 -14.59 -17.04
N LYS B 163 29.35 -15.29 -17.50
CA LYS B 163 29.88 -16.46 -16.81
C LYS B 163 31.00 -16.04 -15.86
N TRP B 164 31.11 -14.75 -15.59
CA TRP B 164 32.07 -14.22 -14.64
C TRP B 164 33.51 -14.45 -15.08
N GLU B 165 33.76 -14.33 -16.39
CA GLU B 165 35.12 -14.28 -16.93
C GLU B 165 35.52 -12.82 -17.16
N GLU B 166 36.67 -12.44 -16.60
CA GLU B 166 37.05 -11.04 -16.48
C GLU B 166 37.26 -10.42 -17.86
N GLN B 167 37.13 -9.08 -17.95
CA GLN B 167 37.32 -8.31 -19.18
C GLN B 167 38.13 -7.05 -18.88
N SER B 168 38.33 -6.18 -19.88
CA SER B 168 39.14 -4.98 -19.72
C SER B 168 38.34 -3.87 -19.03
N ASN B 169 37.81 -2.89 -19.77
CA ASN B 169 36.92 -1.91 -19.16
C ASN B 169 36.16 -1.09 -20.20
N GLU B 170 34.85 -0.95 -19.96
CA GLU B 170 33.95 -0.04 -20.67
C GLU B 170 34.13 1.39 -20.13
N MET B 171 34.43 1.49 -18.83
CA MET B 171 34.61 2.77 -18.15
C MET B 171 36.00 3.30 -18.53
N LEU B 172 36.11 3.74 -19.80
CA LEU B 172 37.39 4.03 -20.45
C LEU B 172 37.87 5.43 -20.02
N SER B 173 38.25 6.24 -21.03
CA SER B 173 38.10 7.69 -20.99
C SER B 173 37.47 8.12 -22.32
N GLU B 174 37.22 9.43 -22.49
CA GLU B 174 36.56 9.95 -23.68
C GLU B 174 37.39 9.63 -24.93
N ASN B 175 38.72 9.66 -24.79
CA ASN B 175 39.63 9.20 -25.85
C ASN B 175 39.63 7.67 -25.86
N GLY B 176 40.13 7.04 -24.78
CA GLY B 176 40.23 5.58 -24.75
C GLY B 176 40.88 5.03 -23.47
N VAL B 177 41.97 5.67 -22.99
CA VAL B 177 42.88 5.07 -22.01
C VAL B 177 42.12 4.66 -20.75
N ILE B 178 41.71 3.38 -20.74
CA ILE B 178 40.78 2.85 -19.76
C ILE B 178 41.51 2.64 -18.43
N ALA B 179 40.72 2.62 -17.34
CA ALA B 179 41.23 2.47 -15.99
C ALA B 179 41.12 1.00 -15.57
N ASP B 180 41.92 0.62 -14.57
CA ASP B 180 41.83 -0.72 -14.01
C ASP B 180 41.06 -0.70 -12.69
N ILE B 181 41.14 0.41 -11.96
CA ILE B 181 40.55 0.54 -10.64
C ILE B 181 39.78 1.87 -10.60
N THR B 182 38.52 1.87 -10.12
CA THR B 182 37.74 3.10 -10.08
C THR B 182 37.33 3.44 -8.66
N MET B 183 37.39 4.72 -8.37
CA MET B 183 36.83 5.28 -7.15
C MET B 183 35.36 4.89 -7.09
N ASN B 184 34.65 4.96 -8.23
CA ASN B 184 33.19 4.89 -8.22
C ASN B 184 32.77 3.51 -7.71
N THR B 185 33.32 2.43 -8.31
CA THR B 185 33.05 1.08 -7.84
C THR B 185 33.35 0.92 -6.35
N HIS B 186 34.47 1.47 -5.87
CA HIS B 186 34.86 1.31 -4.49
C HIS B 186 33.88 2.04 -3.57
N LEU B 187 33.40 3.20 -4.01
CA LEU B 187 32.50 4.00 -3.18
C LEU B 187 31.22 3.20 -2.92
N HIS B 188 30.67 2.60 -3.99
CA HIS B 188 29.36 1.96 -3.89
C HIS B 188 29.51 0.56 -3.28
N VAL B 189 30.69 -0.08 -3.36
CA VAL B 189 30.91 -1.28 -2.58
C VAL B 189 30.86 -0.90 -1.10
N LEU B 190 31.58 0.16 -0.72
CA LEU B 190 31.58 0.60 0.66
C LEU B 190 30.15 0.97 1.13
N GLU B 191 29.44 1.71 0.29
CA GLU B 191 28.03 2.08 0.53
C GLU B 191 27.19 0.85 0.90
N ALA B 192 27.30 -0.16 0.03
CA ALA B 192 26.56 -1.40 0.12
C ALA B 192 26.94 -2.12 1.41
N TYR B 193 28.23 -2.19 1.70
CA TYR B 193 28.74 -2.99 2.80
C TYR B 193 28.31 -2.35 4.10
N THR B 194 28.26 -1.01 4.14
CA THR B 194 27.75 -0.33 5.32
C THR B 194 26.32 -0.80 5.64
N ASN B 195 25.47 -0.91 4.62
CA ASN B 195 24.06 -1.26 4.85
C ASN B 195 23.94 -2.73 5.24
N LEU B 196 24.79 -3.56 4.64
CA LEU B 196 24.86 -4.97 5.01
C LEU B 196 25.24 -5.15 6.49
N TYR B 197 26.25 -4.43 6.96
CA TYR B 197 26.69 -4.52 8.35
C TYR B 197 25.56 -4.13 9.30
N ARG B 198 24.74 -3.16 8.89
CA ARG B 198 23.56 -2.76 9.65
C ARG B 198 22.61 -3.94 9.90
N VAL B 199 22.52 -4.90 8.97
CA VAL B 199 21.57 -5.99 9.09
C VAL B 199 22.28 -7.30 9.44
N TRP B 200 23.61 -7.28 9.43
CA TRP B 200 24.41 -8.46 9.62
C TRP B 200 25.81 -8.05 10.11
N GLU B 201 25.97 -8.02 11.44
CA GLU B 201 27.15 -7.45 12.06
C GLU B 201 28.29 -8.46 12.06
N ASP B 202 28.68 -8.93 10.87
CA ASP B 202 29.72 -9.94 10.73
C ASP B 202 31.11 -9.30 10.90
N GLU B 203 32.01 -9.99 11.61
CA GLU B 203 33.31 -9.41 11.97
C GLU B 203 34.24 -9.32 10.75
N GLN B 204 34.22 -10.30 9.84
CA GLN B 204 35.03 -10.17 8.64
C GLN B 204 34.53 -9.06 7.71
N LEU B 205 33.19 -8.93 7.58
CA LEU B 205 32.57 -7.85 6.82
C LEU B 205 33.11 -6.53 7.35
N LYS B 206 33.16 -6.44 8.68
CA LYS B 206 33.66 -5.23 9.33
C LYS B 206 35.06 -4.92 8.83
N GLY B 207 35.93 -5.93 8.76
CA GLY B 207 37.31 -5.72 8.34
C GLY B 207 37.40 -5.23 6.90
N ARG B 208 36.47 -5.72 6.05
CA ARG B 208 36.37 -5.32 4.66
C ARG B 208 35.97 -3.84 4.51
N ILE B 209 35.08 -3.39 5.38
CA ILE B 209 34.77 -1.97 5.45
C ILE B 209 36.03 -1.18 5.86
N ALA B 210 36.71 -1.63 6.93
CA ALA B 210 37.95 -1.00 7.36
C ALA B 210 38.95 -0.94 6.19
N ASN B 211 39.00 -1.98 5.39
CA ASN B 211 39.90 -1.99 4.25
C ASN B 211 39.53 -0.87 3.28
N LEU B 212 38.23 -0.78 2.97
CA LEU B 212 37.77 0.22 2.01
C LEU B 212 38.03 1.63 2.55
N ILE B 213 37.70 1.88 3.82
CA ILE B 213 37.96 3.18 4.41
C ILE B 213 39.45 3.49 4.29
N ASP B 214 40.28 2.46 4.46
CA ASP B 214 41.73 2.64 4.47
C ASP B 214 42.23 2.94 3.05
N LEU B 215 41.69 2.22 2.06
CA LEU B 215 42.01 2.47 0.66
C LEU B 215 41.60 3.90 0.26
N PHE B 216 40.41 4.36 0.70
CA PHE B 216 40.01 5.73 0.42
C PHE B 216 41.05 6.69 1.00
N TYR B 217 41.48 6.43 2.24
CA TYR B 217 42.32 7.38 2.94
C TYR B 217 43.70 7.39 2.29
N GLU B 218 44.21 6.17 1.95
CA GLU B 218 45.58 6.01 1.52
C GLU B 218 45.71 6.26 0.03
N LYS B 219 44.78 5.72 -0.76
CA LYS B 219 44.97 5.66 -2.20
C LYS B 219 44.09 6.67 -2.96
N VAL B 220 42.82 6.83 -2.56
CA VAL B 220 41.91 7.65 -3.35
C VAL B 220 42.11 9.13 -3.00
N PHE B 221 42.12 9.46 -1.70
CA PHE B 221 42.18 10.83 -1.23
C PHE B 221 43.56 11.37 -1.54
N ASP B 222 43.63 12.53 -2.19
CA ASP B 222 44.87 13.24 -2.39
C ASP B 222 45.07 14.09 -1.16
N LYS B 223 45.92 13.64 -0.23
CA LYS B 223 46.17 14.47 0.93
C LYS B 223 46.80 15.73 0.36
N GLN B 224 46.51 16.88 0.97
CA GLN B 224 46.98 18.17 0.48
C GLN B 224 46.02 18.87 -0.50
N SER B 225 45.60 18.27 -1.65
CA SER B 225 44.58 18.92 -2.47
C SER B 225 43.20 18.73 -1.84
N LYS B 226 43.01 17.62 -1.14
CA LYS B 226 41.80 17.34 -0.37
C LYS B 226 40.73 16.74 -1.28
N PHE B 227 41.09 16.48 -2.55
CA PHE B 227 40.21 15.97 -3.59
C PHE B 227 40.33 14.46 -3.69
N LEU B 228 39.23 13.81 -4.08
CA LEU B 228 39.29 12.40 -4.40
C LEU B 228 39.83 12.30 -5.82
N GLN B 229 40.60 11.25 -6.08
CA GLN B 229 41.02 10.87 -7.41
C GLN B 229 40.07 9.78 -7.87
N VAL B 230 39.94 9.65 -9.20
CA VAL B 230 38.77 9.07 -9.83
C VAL B 230 39.12 7.76 -10.53
N PHE B 231 40.18 7.75 -11.36
CA PHE B 231 40.55 6.56 -12.11
C PHE B 231 42.01 6.17 -11.81
N PHE B 232 42.30 4.86 -11.75
CA PHE B 232 43.61 4.42 -11.29
C PHE B 232 44.14 3.26 -12.13
N ASN B 233 45.48 3.11 -12.14
CA ASN B 233 46.18 1.92 -12.62
C ASN B 233 46.19 0.86 -11.52
N ASN B 234 46.71 -0.33 -11.86
CA ASN B 234 46.80 -1.44 -10.93
C ASN B 234 47.70 -1.15 -9.72
N HIS B 235 48.47 -0.04 -9.76
CA HIS B 235 49.33 0.34 -8.63
C HIS B 235 48.62 1.40 -7.77
N TRP B 236 47.31 1.57 -8.01
CA TRP B 236 46.50 2.51 -7.24
C TRP B 236 47.00 3.94 -7.38
N GLU B 237 47.30 4.37 -8.62
CA GLU B 237 47.75 5.75 -8.86
C GLU B 237 46.86 6.40 -9.91
N SER B 238 46.41 7.64 -9.66
CA SER B 238 45.47 8.31 -10.55
C SER B 238 46.05 8.38 -11.95
N ILE B 239 45.21 8.21 -12.98
CA ILE B 239 45.67 8.21 -14.35
C ILE B 239 45.05 9.35 -15.16
N ILE B 240 44.18 10.19 -14.56
CA ILE B 240 43.74 11.41 -15.24
C ILE B 240 43.49 12.49 -14.21
N ASP B 241 43.69 13.74 -14.64
CA ASP B 241 43.39 14.90 -13.82
C ASP B 241 41.91 15.19 -14.03
N LEU B 242 41.09 14.61 -13.13
CA LEU B 242 39.65 14.81 -13.15
C LEU B 242 39.16 14.97 -11.71
N LYS B 243 38.48 16.10 -11.43
CA LYS B 243 37.83 16.32 -10.15
C LYS B 243 36.33 16.16 -10.39
N SER B 244 35.67 15.35 -9.54
CA SER B 244 34.23 15.12 -9.61
C SER B 244 33.61 15.58 -8.30
N TYR B 245 33.10 16.81 -8.30
CA TYR B 245 32.74 17.47 -7.07
C TYR B 245 31.64 16.70 -6.32
N GLY B 246 30.69 16.14 -7.10
CA GLY B 246 29.59 15.35 -6.56
C GLY B 246 30.04 14.06 -5.85
N HIS B 247 30.94 13.31 -6.47
CA HIS B 247 31.52 12.13 -5.81
C HIS B 247 32.21 12.48 -4.47
N ASP B 248 32.97 13.59 -4.43
CA ASP B 248 33.71 13.93 -3.22
C ASP B 248 32.77 14.15 -2.04
N ILE B 249 31.75 15.00 -2.24
CA ILE B 249 30.92 15.42 -1.13
C ILE B 249 30.02 14.24 -0.74
N GLU B 250 29.62 13.46 -1.74
CA GLU B 250 28.92 12.21 -1.52
C GLU B 250 29.78 11.25 -0.67
N ALA B 251 31.03 10.97 -1.10
CA ALA B 251 31.95 10.14 -0.33
C ALA B 251 32.18 10.66 1.09
N SER B 252 32.19 11.99 1.28
CA SER B 252 32.39 12.57 2.59
C SER B 252 31.40 11.96 3.61
N TRP B 253 30.10 11.99 3.27
CA TRP B 253 29.10 11.57 4.24
C TRP B 253 28.89 10.06 4.21
N LEU B 254 29.14 9.39 3.07
CA LEU B 254 29.04 7.94 3.01
C LEU B 254 30.16 7.30 3.84
N ILE B 255 31.38 7.81 3.66
CA ILE B 255 32.48 7.30 4.48
C ILE B 255 32.19 7.55 5.97
N ASP B 256 31.64 8.71 6.31
CA ASP B 256 31.27 9.02 7.68
C ASP B 256 30.30 7.96 8.21
N ASP B 257 29.29 7.61 7.40
CA ASP B 257 28.31 6.60 7.80
C ASP B 257 28.99 5.27 8.08
N ALA B 258 29.92 4.86 7.22
CA ALA B 258 30.70 3.65 7.43
C ALA B 258 31.48 3.71 8.76
N LEU B 259 32.12 4.84 9.05
CA LEU B 259 32.83 5.02 10.31
C LEU B 259 31.87 4.87 11.49
N LYS B 260 30.71 5.54 11.41
CA LYS B 260 29.72 5.52 12.49
C LYS B 260 29.17 4.10 12.66
N VAL B 261 28.85 3.43 11.55
CA VAL B 261 28.27 2.10 11.64
C VAL B 261 29.25 1.06 12.23
N THR B 262 30.56 1.22 12.00
CA THR B 262 31.55 0.24 12.47
C THR B 262 32.28 0.73 13.74
N GLY B 263 31.87 1.87 14.30
CA GLY B 263 32.52 2.45 15.47
C GLY B 263 34.01 2.72 15.24
N ASN B 264 34.34 3.21 14.03
CA ASN B 264 35.72 3.47 13.66
C ASN B 264 36.04 4.92 14.01
N ASN B 265 36.75 5.15 15.13
CA ASN B 265 36.93 6.48 15.65
C ASN B 265 38.33 7.00 15.37
N ASP B 266 39.00 6.43 14.37
CA ASP B 266 40.34 6.86 14.04
C ASP B 266 40.28 8.32 13.56
N ARG B 267 41.07 9.19 14.22
CA ARG B 267 41.09 10.63 13.99
C ARG B 267 41.25 11.01 12.52
N LYS B 268 42.17 10.36 11.82
CA LYS B 268 42.51 10.81 10.48
C LYS B 268 41.34 10.57 9.50
N TYR B 269 40.51 9.55 9.75
CA TYR B 269 39.41 9.28 8.83
C TYR B 269 38.35 10.35 9.01
N THR B 270 38.09 10.70 10.27
CA THR B 270 37.17 11.76 10.62
C THR B 270 37.64 13.09 10.04
N GLN B 271 38.96 13.32 10.02
CA GLN B 271 39.53 14.55 9.47
C GLN B 271 39.41 14.57 7.94
N MET B 272 39.65 13.44 7.28
CA MET B 272 39.45 13.34 5.85
C MET B 272 38.02 13.76 5.45
N VAL B 273 37.02 13.27 6.19
CA VAL B 273 35.61 13.54 5.93
C VAL B 273 35.35 15.04 5.98
N ILE B 274 35.91 15.71 7.01
CA ILE B 274 35.67 17.13 7.24
C ILE B 274 36.41 17.94 6.17
N ASP B 275 37.64 17.50 5.84
CA ASP B 275 38.50 18.18 4.90
C ASP B 275 37.84 18.20 3.53
N ILE B 276 37.17 17.09 3.20
CA ILE B 276 36.53 16.98 1.89
C ILE B 276 35.37 17.97 1.85
N ALA B 277 34.53 17.96 2.90
CA ALA B 277 33.44 18.90 2.97
C ALA B 277 33.97 20.32 2.78
N TYR B 278 34.99 20.74 3.56
CA TYR B 278 35.53 22.09 3.47
C TYR B 278 36.03 22.34 2.05
N ASN B 279 36.71 21.34 1.49
CA ASN B 279 37.28 21.44 0.15
C ASN B 279 36.19 21.75 -0.90
N ILE B 280 35.16 20.91 -0.95
CA ILE B 280 34.10 21.09 -1.93
C ILE B 280 33.34 22.39 -1.70
N GLU B 281 33.10 22.79 -0.45
CA GLU B 281 32.42 24.05 -0.20
C GLU B 281 33.20 25.18 -0.88
N LYS B 282 34.53 25.08 -0.86
CA LYS B 282 35.41 26.14 -1.30
C LYS B 282 35.59 26.07 -2.82
N LYS B 283 35.73 24.87 -3.37
CA LYS B 283 36.17 24.72 -4.74
C LYS B 283 35.09 24.29 -5.74
N GLY B 284 33.98 23.69 -5.29
CA GLY B 284 32.99 23.14 -6.22
C GLY B 284 31.77 24.05 -6.34
N VAL B 285 31.60 24.94 -5.35
CA VAL B 285 30.39 25.72 -5.20
C VAL B 285 30.53 27.00 -6.03
N LEU B 286 29.54 27.24 -6.89
CA LEU B 286 29.52 28.35 -7.82
C LEU B 286 28.98 29.57 -7.10
N LYS B 287 28.87 30.70 -7.81
CA LYS B 287 28.57 31.95 -7.12
C LYS B 287 27.12 32.02 -6.67
N ASP B 288 26.25 31.16 -7.23
CA ASP B 288 24.89 31.07 -6.75
C ASP B 288 24.70 29.98 -5.69
N GLY B 289 25.76 29.28 -5.26
CA GLY B 289 25.59 28.26 -4.22
C GLY B 289 25.41 26.86 -4.79
N SER B 290 25.08 26.80 -6.08
CA SER B 290 24.97 25.53 -6.78
C SER B 290 26.34 24.93 -6.97
N LEU B 291 26.39 23.63 -7.30
CA LEU B 291 27.63 22.91 -7.52
C LEU B 291 27.88 22.67 -9.00
N ALA B 292 29.14 22.91 -9.42
CA ALA B 292 29.60 22.50 -10.74
C ALA B 292 29.72 20.99 -10.77
N TYR B 293 29.90 20.45 -11.98
CA TYR B 293 29.91 19.02 -12.16
C TYR B 293 31.32 18.42 -12.04
N GLU B 294 32.25 18.92 -12.86
CA GLU B 294 33.56 18.29 -13.01
C GLU B 294 34.60 19.35 -13.36
N ASN B 295 35.87 19.01 -13.07
CA ASN B 295 37.03 19.76 -13.54
C ASN B 295 38.04 18.78 -14.13
N GLU B 296 38.12 18.76 -15.46
CA GLU B 296 38.92 17.83 -16.22
C GLU B 296 40.05 18.61 -16.89
N ASN B 297 41.27 18.37 -16.42
CA ASN B 297 42.45 19.09 -16.87
C ASN B 297 42.28 20.59 -16.77
N GLY B 298 41.60 21.06 -15.73
CA GLY B 298 41.48 22.48 -15.49
C GLY B 298 40.29 23.12 -16.20
N LYS B 299 39.63 22.39 -17.11
CA LYS B 299 38.39 22.85 -17.69
C LYS B 299 37.19 22.42 -16.83
N ILE B 300 36.47 23.40 -16.26
CA ILE B 300 35.27 23.17 -15.46
C ILE B 300 34.03 23.00 -16.34
N ASP B 301 33.23 21.95 -16.05
CA ASP B 301 31.89 21.80 -16.60
C ASP B 301 30.90 22.38 -15.59
N TYR B 302 30.29 23.52 -15.98
CA TYR B 302 29.44 24.30 -15.10
C TYR B 302 27.99 23.80 -15.08
N THR B 303 27.70 22.69 -15.76
CA THR B 303 26.37 22.08 -15.75
C THR B 303 26.03 21.71 -14.30
N ARG B 304 24.79 22.00 -13.87
CA ARG B 304 24.29 21.57 -12.57
C ARG B 304 23.55 20.24 -12.77
N VAL B 305 24.18 19.15 -12.31
CA VAL B 305 23.63 17.82 -12.40
C VAL B 305 22.83 17.50 -11.12
N TRP B 306 21.69 16.83 -11.29
CA TRP B 306 20.73 16.74 -10.19
C TRP B 306 21.35 15.99 -9.00
N TRP B 307 22.05 14.91 -9.28
CA TRP B 307 22.51 14.07 -8.18
C TRP B 307 23.61 14.78 -7.39
N VAL B 308 24.39 15.62 -8.10
CA VAL B 308 25.47 16.38 -7.50
C VAL B 308 24.92 17.35 -6.47
N GLN B 309 23.85 18.08 -6.81
CA GLN B 309 23.27 19.06 -5.90
C GLN B 309 22.77 18.39 -4.58
N VAL B 310 22.07 17.27 -4.70
CA VAL B 310 21.49 16.63 -3.52
C VAL B 310 22.56 15.98 -2.62
N GLU B 311 23.56 15.32 -3.19
CA GLU B 311 24.70 14.79 -2.45
C GLU B 311 25.47 15.89 -1.69
N ALA B 312 25.59 17.08 -2.28
CA ALA B 312 26.16 18.22 -1.60
C ALA B 312 25.28 18.66 -0.43
N MET B 313 23.97 18.68 -0.61
CA MET B 313 23.13 19.08 0.49
C MET B 313 23.35 18.11 1.67
N VAL B 314 23.39 16.80 1.39
CA VAL B 314 23.54 15.84 2.48
C VAL B 314 24.94 15.99 3.11
N GLY B 315 25.97 16.01 2.26
CA GLY B 315 27.35 16.05 2.71
C GLY B 315 27.63 17.30 3.54
N PHE B 316 27.11 18.44 3.09
CA PHE B 316 27.24 19.71 3.79
C PHE B 316 26.47 19.68 5.10
N TYR B 317 25.28 19.07 5.11
CA TYR B 317 24.54 18.99 6.35
C TYR B 317 25.27 18.09 7.35
N ASN B 318 25.85 16.99 6.86
CA ASN B 318 26.62 16.09 7.71
C ASN B 318 27.81 16.85 8.31
N ALA B 319 28.48 17.65 7.49
CA ALA B 319 29.61 18.42 7.96
C ALA B 319 29.17 19.43 9.01
N TYR B 320 27.94 19.94 8.89
CA TYR B 320 27.43 20.92 9.82
C TYR B 320 27.11 20.29 11.17
N GLU B 321 26.47 19.10 11.17
CA GLU B 321 26.23 18.34 12.40
C GLU B 321 27.54 18.10 13.14
N LYS B 322 28.62 17.89 12.39
CA LYS B 322 29.90 17.56 13.00
C LYS B 322 30.54 18.81 13.60
N THR B 323 30.65 19.87 12.81
CA THR B 323 31.55 20.96 13.12
C THR B 323 30.75 22.11 13.74
N LYS B 324 29.44 22.10 13.53
CA LYS B 324 28.58 23.21 13.90
C LYS B 324 28.97 24.50 13.18
N ASP B 325 29.69 24.41 12.05
CA ASP B 325 30.07 25.55 11.24
C ASP B 325 28.89 25.97 10.34
N GLU B 326 28.34 27.16 10.61
CA GLU B 326 27.15 27.72 9.95
C GLU B 326 27.31 27.83 8.43
N LYS B 327 28.56 27.92 7.96
CA LYS B 327 28.91 27.97 6.56
C LYS B 327 28.31 26.81 5.77
N PHE B 328 28.31 25.61 6.37
CA PHE B 328 27.75 24.43 5.72
C PHE B 328 26.23 24.53 5.67
N LEU B 329 25.62 25.09 6.71
CA LEU B 329 24.19 25.26 6.77
C LEU B 329 23.76 26.25 5.67
N LYS B 330 24.48 27.36 5.53
CA LYS B 330 24.15 28.36 4.52
C LYS B 330 24.23 27.70 3.15
N ALA B 331 25.28 26.88 2.96
CA ALA B 331 25.50 26.20 1.71
C ALA B 331 24.30 25.35 1.34
N VAL B 332 23.69 24.68 2.33
CA VAL B 332 22.58 23.78 2.08
C VAL B 332 21.41 24.62 1.59
N GLU B 333 21.15 25.71 2.32
CA GLU B 333 20.07 26.62 1.99
C GLU B 333 20.16 27.07 0.53
N ARG B 334 21.34 27.48 0.10
CA ARG B 334 21.52 28.08 -1.22
C ARG B 334 21.34 27.05 -2.32
N ILE B 335 21.82 25.82 -2.10
CA ILE B 335 21.61 24.75 -3.06
C ILE B 335 20.12 24.49 -3.22
N TRP B 336 19.40 24.42 -2.08
CA TRP B 336 17.99 24.13 -2.09
C TRP B 336 17.23 25.21 -2.86
N ASP B 337 17.56 26.49 -2.63
N ASP B 337 17.56 26.48 -2.61
CA ASP B 337 16.91 27.57 -3.36
CA ASP B 337 16.97 27.59 -3.33
C ASP B 337 17.16 27.43 -4.86
C ASP B 337 17.17 27.44 -4.84
N TYR B 338 18.39 27.04 -5.23
CA TYR B 338 18.74 26.81 -6.62
C TYR B 338 17.90 25.66 -7.17
N VAL B 339 17.83 24.54 -6.44
CA VAL B 339 17.14 23.33 -6.89
C VAL B 339 15.66 23.61 -7.14
N LYS B 340 15.02 24.35 -6.21
CA LYS B 340 13.62 24.66 -6.34
C LYS B 340 13.39 25.61 -7.52
N THR B 341 14.34 26.49 -7.80
CA THR B 341 14.15 27.50 -8.83
C THR B 341 14.37 26.89 -10.21
N TYR B 342 15.37 26.00 -10.34
CA TYR B 342 15.75 25.58 -11.67
C TYR B 342 15.65 24.08 -11.97
N MET B 343 15.75 23.21 -10.95
N MET B 343 15.70 23.22 -10.94
CA MET B 343 15.97 21.79 -11.19
CA MET B 343 15.97 21.81 -11.15
C MET B 343 14.70 20.96 -11.04
C MET B 343 14.71 20.95 -11.02
N ILE B 344 13.80 21.36 -10.14
CA ILE B 344 12.56 20.61 -9.97
C ILE B 344 11.61 21.05 -11.09
N ASP B 345 11.09 20.10 -11.84
CA ASP B 345 10.24 20.40 -13.00
C ASP B 345 8.84 20.75 -12.51
N SER B 346 8.25 21.84 -13.00
CA SER B 346 6.87 22.12 -12.59
C SER B 346 5.87 21.62 -13.64
N ARG B 347 6.32 20.93 -14.70
CA ARG B 347 5.37 20.37 -15.64
C ARG B 347 4.53 19.30 -14.97
N GLU B 348 3.26 19.28 -15.37
CA GLU B 348 2.44 18.14 -15.03
C GLU B 348 3.07 16.90 -15.67
N GLY B 349 3.37 15.94 -14.83
CA GLY B 349 3.93 14.68 -15.30
C GLY B 349 5.44 14.60 -15.04
N GLY B 350 6.03 15.70 -14.56
CA GLY B 350 7.48 15.77 -14.39
C GLY B 350 7.95 15.39 -12.97
N GLU B 351 9.28 15.31 -12.84
CA GLU B 351 9.92 15.11 -11.56
C GLU B 351 11.02 16.17 -11.46
N TRP B 352 12.26 15.76 -11.64
CA TRP B 352 13.41 16.65 -11.62
C TRP B 352 14.13 16.49 -12.95
N TYR B 353 14.68 17.58 -13.45
CA TYR B 353 15.48 17.48 -14.67
C TYR B 353 16.77 16.74 -14.36
N TRP B 354 17.35 16.10 -15.40
CA TRP B 354 18.66 15.51 -15.29
C TRP B 354 19.70 16.55 -14.87
N SER B 355 19.69 17.69 -15.57
CA SER B 355 20.63 18.77 -15.31
C SER B 355 20.07 20.07 -15.83
N VAL B 356 20.73 21.14 -15.40
CA VAL B 356 20.42 22.48 -15.85
C VAL B 356 21.73 23.06 -16.38
N GLU B 357 21.65 23.67 -17.56
CA GLU B 357 22.80 24.33 -18.19
C GLU B 357 23.19 25.61 -17.44
N ALA B 358 24.40 26.12 -17.71
CA ALA B 358 24.87 27.35 -17.10
C ALA B 358 23.92 28.54 -17.34
N ASP B 359 23.14 28.52 -18.42
CA ASP B 359 22.23 29.61 -18.75
C ASP B 359 20.87 29.48 -18.03
N GLY B 360 20.68 28.38 -17.27
CA GLY B 360 19.47 28.21 -16.48
C GLY B 360 18.36 27.43 -17.20
N GLN B 361 18.63 26.98 -18.43
CA GLN B 361 17.71 26.16 -19.19
C GLN B 361 17.94 24.68 -18.86
N PRO B 362 16.87 23.86 -18.79
CA PRO B 362 17.00 22.46 -18.45
C PRO B 362 17.72 21.76 -19.59
N THR B 363 18.61 20.84 -19.24
CA THR B 363 19.18 19.95 -20.23
C THR B 363 18.09 19.01 -20.75
N LYS B 364 18.06 18.79 -22.07
CA LYS B 364 17.04 17.96 -22.70
C LYS B 364 17.47 16.49 -22.69
N ARG B 365 17.58 15.93 -21.49
CA ARG B 365 17.88 14.52 -21.26
C ARG B 365 16.67 13.87 -20.59
N GLU B 366 16.65 12.53 -20.58
CA GLU B 366 15.56 11.76 -19.97
C GLU B 366 15.37 12.14 -18.50
N ILE B 367 14.10 12.08 -18.04
CA ILE B 367 13.72 12.31 -16.66
C ILE B 367 13.88 11.01 -15.87
N ALA B 368 13.76 9.87 -16.55
CA ALA B 368 13.83 8.54 -15.94
C ALA B 368 14.46 7.60 -16.94
N GLY B 369 15.40 6.77 -16.49
CA GLY B 369 16.12 5.92 -17.41
C GLY B 369 17.09 5.02 -16.67
N PRO B 370 17.92 4.22 -17.39
CA PRO B 370 18.96 3.39 -16.79
C PRO B 370 19.82 4.17 -15.80
N TRP B 371 20.10 5.44 -16.10
CA TRP B 371 20.99 6.23 -15.27
C TRP B 371 20.29 7.30 -14.45
N LYS B 372 18.94 7.37 -14.47
CA LYS B 372 18.29 8.39 -13.65
C LYS B 372 17.08 7.78 -12.96
N CYS B 373 17.10 7.74 -11.62
CA CYS B 373 16.02 7.06 -10.91
C CYS B 373 15.87 7.79 -9.58
N PRO B 374 15.10 7.25 -8.62
CA PRO B 374 14.74 7.99 -7.42
C PRO B 374 15.74 7.92 -6.27
N TYR B 375 16.86 7.23 -6.47
CA TYR B 375 17.75 6.91 -5.37
C TYR B 375 18.39 8.17 -4.79
N HIS B 376 19.12 8.95 -5.59
CA HIS B 376 19.83 10.10 -5.03
C HIS B 376 18.87 11.09 -4.40
N ASN B 377 17.79 11.46 -5.14
CA ASN B 377 17.00 12.56 -4.61
C ASN B 377 16.09 12.12 -3.45
N ALA B 378 15.57 10.90 -3.49
CA ALA B 378 14.79 10.36 -2.37
C ALA B 378 15.68 10.21 -1.15
N ARG B 379 16.89 9.67 -1.36
CA ARG B 379 17.82 9.53 -0.24
C ARG B 379 18.10 10.87 0.42
N PHE B 380 18.31 11.93 -0.39
CA PHE B 380 18.58 13.24 0.15
C PHE B 380 17.44 13.66 1.08
N CYS B 381 16.18 13.54 0.64
CA CYS B 381 15.03 13.93 1.45
C CYS B 381 14.98 13.09 2.74
N LEU B 382 15.16 11.79 2.61
CA LEU B 382 15.10 10.85 3.73
C LEU B 382 16.21 11.11 4.74
N GLU B 383 17.43 11.42 4.26
CA GLU B 383 18.56 11.72 5.13
C GLU B 383 18.26 12.90 6.07
N PHE B 384 17.65 13.96 5.52
CA PHE B 384 17.26 15.13 6.29
C PHE B 384 16.13 14.78 7.26
N ILE B 385 15.09 14.08 6.77
CA ILE B 385 13.96 13.72 7.64
C ILE B 385 14.49 12.95 8.86
N GLU B 386 15.35 11.96 8.63
CA GLU B 386 15.86 11.10 9.70
C GLU B 386 16.77 11.87 10.65
N ARG B 387 17.73 12.66 10.12
CA ARG B 387 18.72 13.33 10.94
C ARG B 387 18.04 14.37 11.83
N VAL B 388 17.07 15.11 11.30
CA VAL B 388 16.40 16.15 12.04
C VAL B 388 15.32 15.56 12.96
N GLY B 389 14.74 14.42 12.59
CA GLY B 389 13.75 13.74 13.42
C GLY B 389 14.36 12.57 14.16
#